data_5YBL
#
_entry.id   5YBL
#
_cell.length_a   220.342
_cell.length_b   223.923
_cell.length_c   53.694
_cell.angle_alpha   90.00
_cell.angle_beta   90.00
_cell.angle_gamma   90.00
#
_symmetry.space_group_name_H-M   'C 2 2 2'
#
loop_
_entity.id
_entity.type
_entity.pdbx_description
1 polymer 'Multifunctional dioxygenase ausE'
2 non-polymer 'MANGANESE (II) ION'
3 non-polymer '2-OXOGLUTARIC ACID'
4 water water
#
_entity_poly.entity_id   1
_entity_poly.type   'polypeptide(L)'
_entity_poly.pdbx_seq_one_letter_code
;MGSSHHHHHHSSGLVPRGSHMPSRLQKFPATAPADEIYAAFKEDGCVIIEGFVPPDQMARFSQEIQPAMEKIQVQVTNDG
NSNDRVKRFSKLVTTSPTFRHEILENDLMHELLQRVFSKPGEGMGYHFNDTMVIEVQPGAPAQRLHRDQELYPWWNSMGP
DAPECLVNFFCAVTPFTVENGATRLVPGSNRWPELTLINATDCPQYGKIDSVPAIMQPGDCYMMSGKVIHGAGHNATLSD
QRRALAFSTIRRELRPVQAFPLWIPMQIATELSPRTQAMFGFRSSTQHCDVDTVHFWGNDGKDIGEHLGLISSA
;
_entity_poly.pdbx_strand_id   A,B,C,D
#
# COMPACT_ATOMS: atom_id res chain seq x y z
N LEU A 25 33.61 38.12 12.39
CA LEU A 25 34.36 36.92 12.07
C LEU A 25 35.39 36.60 13.14
N GLN A 26 35.10 35.56 13.92
CA GLN A 26 36.02 35.10 14.96
C GLN A 26 37.25 34.46 14.34
N LYS A 27 38.30 34.30 15.15
CA LYS A 27 39.57 33.78 14.67
C LYS A 27 40.19 32.87 15.72
N PHE A 28 40.66 31.71 15.28
CA PHE A 28 41.23 30.69 16.15
C PHE A 28 42.53 30.20 15.55
N PRO A 29 43.48 29.78 16.38
CA PRO A 29 44.57 28.94 15.88
C PRO A 29 44.06 27.54 15.67
N ALA A 30 44.73 26.84 14.75
CA ALA A 30 44.40 25.44 14.51
C ALA A 30 44.84 24.52 15.65
N THR A 31 45.38 25.09 16.72
CA THR A 31 45.66 24.36 17.94
C THR A 31 44.49 24.43 18.91
N ALA A 32 43.49 25.03 18.56
CA ALA A 32 42.32 25.22 19.40
C ALA A 32 41.38 24.03 19.30
N PRO A 33 40.68 23.68 20.39
CA PRO A 33 39.82 22.50 20.35
C PRO A 33 38.71 22.65 19.32
N ALA A 34 38.34 21.52 18.71
CA ALA A 34 37.36 21.53 17.63
C ALA A 34 36.01 21.99 18.12
N ASP A 35 35.65 21.66 19.36
CA ASP A 35 34.40 22.16 19.93
C ASP A 35 34.38 23.69 19.90
N GLU A 36 35.52 24.31 20.24
CA GLU A 36 35.61 25.77 20.25
C GLU A 36 35.43 26.35 18.85
N ILE A 37 36.22 25.86 17.89
CA ILE A 37 36.16 26.40 16.52
C ILE A 37 34.76 26.23 15.93
N TYR A 38 34.14 25.07 16.17
CA TYR A 38 32.85 24.74 15.56
C TYR A 38 31.70 25.54 16.17
N ALA A 39 31.83 25.93 17.44
CA ALA A 39 30.83 26.77 18.08
C ALA A 39 30.69 28.12 17.37
N ALA A 40 31.82 28.78 17.07
CA ALA A 40 31.78 30.02 16.31
C ALA A 40 31.25 29.79 14.90
N PHE A 41 31.48 28.61 14.35
CA PHE A 41 30.97 28.29 13.02
C PHE A 41 29.45 28.21 13.02
N LYS A 42 28.88 27.48 13.99
CA LYS A 42 27.42 27.42 14.12
C LYS A 42 26.84 28.81 14.27
N GLU A 43 27.41 29.64 15.16
CA GLU A 43 26.84 30.95 15.44
C GLU A 43 26.85 31.84 14.20
N ASP A 44 28.02 32.05 13.61
CA ASP A 44 28.22 33.02 12.56
C ASP A 44 28.26 32.42 11.16
N GLY A 45 28.23 31.10 11.02
CA GLY A 45 28.33 30.48 9.72
C GLY A 45 29.70 30.57 9.11
N CYS A 46 30.69 31.00 9.88
CA CYS A 46 31.94 31.51 9.32
C CYS A 46 32.97 31.80 10.41
N VAL A 47 34.14 31.16 10.31
CA VAL A 47 35.23 31.31 11.26
C VAL A 47 36.50 31.42 10.44
N ILE A 48 37.55 32.01 11.04
CA ILE A 48 38.88 31.99 10.49
C ILE A 48 39.77 31.09 11.34
N ILE A 49 40.57 30.26 10.68
CA ILE A 49 41.50 29.34 11.32
C ILE A 49 42.89 29.70 10.83
N GLU A 50 43.78 30.00 11.78
CA GLU A 50 45.13 30.45 11.48
C GLU A 50 46.06 29.25 11.42
N GLY A 51 46.90 29.20 10.38
CA GLY A 51 47.71 28.02 10.18
C GLY A 51 46.92 26.72 10.02
N PHE A 52 45.68 26.79 9.53
CA PHE A 52 44.92 25.61 9.15
C PHE A 52 45.75 24.66 8.30
N VAL A 53 46.66 25.20 7.48
CA VAL A 53 47.67 24.41 6.78
C VAL A 53 49.05 24.96 7.16
N PRO A 54 50.01 24.12 7.52
CA PRO A 54 51.36 24.63 7.81
C PRO A 54 51.95 25.36 6.61
N PRO A 55 52.43 26.60 6.83
CA PRO A 55 52.90 27.43 5.71
C PRO A 55 54.00 26.83 4.88
N ASP A 56 54.79 25.91 5.43
CA ASP A 56 55.79 25.23 4.62
C ASP A 56 55.13 24.25 3.66
N GLN A 57 54.10 23.53 4.14
CA GLN A 57 53.37 22.61 3.29
C GLN A 57 52.67 23.35 2.16
N MET A 58 52.09 24.51 2.48
CA MET A 58 51.40 25.31 1.45
C MET A 58 52.36 25.77 0.36
N ALA A 59 53.60 26.11 0.71
CA ALA A 59 54.53 26.59 -0.31
C ALA A 59 55.16 25.45 -1.10
N ARG A 60 55.37 24.29 -0.50
CA ARG A 60 55.74 23.10 -1.28
C ARG A 60 54.66 22.79 -2.33
N PHE A 61 53.43 22.54 -1.87
CA PHE A 61 52.28 22.38 -2.75
C PHE A 61 52.24 23.46 -3.82
N SER A 62 52.27 24.73 -3.41
CA SER A 62 52.21 25.84 -4.35
C SER A 62 53.34 25.77 -5.37
N GLN A 63 54.55 25.46 -4.91
CA GLN A 63 55.66 25.23 -5.83
C GLN A 63 55.37 24.07 -6.77
N GLU A 64 54.80 22.99 -6.24
CA GLU A 64 54.56 21.79 -7.04
C GLU A 64 53.51 22.00 -8.11
N ILE A 65 52.51 22.84 -7.86
CA ILE A 65 51.47 23.07 -8.86
C ILE A 65 51.82 24.25 -9.77
N GLN A 66 53.05 24.76 -9.70
CA GLN A 66 53.34 25.99 -10.44
C GLN A 66 53.50 25.76 -11.95
N PRO A 67 54.25 24.76 -12.40
CA PRO A 67 54.30 24.51 -13.86
C PRO A 67 52.93 24.35 -14.48
N ALA A 68 51.99 23.78 -13.73
CA ALA A 68 50.63 23.61 -14.23
C ALA A 68 49.88 24.92 -14.25
N MET A 69 49.98 25.70 -13.17
CA MET A 69 49.34 27.01 -13.13
C MET A 69 49.85 27.92 -14.24
N GLU A 70 51.15 27.86 -14.52
CA GLU A 70 51.71 28.69 -15.60
C GLU A 70 51.11 28.31 -16.93
N LYS A 71 50.89 27.01 -17.16
CA LYS A 71 50.24 26.47 -18.33
C LYS A 71 48.72 26.86 -18.44
N ILE A 72 48.17 27.78 -17.65
CA ILE A 72 46.75 28.10 -17.69
C ILE A 72 46.58 29.50 -18.26
N GLN A 73 45.73 29.62 -19.28
CA GLN A 73 45.56 30.85 -20.03
C GLN A 73 44.41 31.65 -19.41
N VAL A 74 44.72 32.87 -18.98
CA VAL A 74 43.74 33.77 -18.41
C VAL A 74 42.78 34.26 -19.50
N GLN A 75 41.50 34.40 -19.14
CA GLN A 75 40.47 34.93 -20.03
C GLN A 75 39.98 36.27 -19.48
N VAL A 76 39.59 37.18 -20.39
CA VAL A 76 39.10 38.52 -20.06
C VAL A 76 37.75 38.75 -20.74
N THR A 77 36.74 39.18 -19.97
CA THR A 77 35.38 39.45 -20.48
C THR A 77 34.73 40.68 -19.85
N ASN A 81 31.48 36.58 -16.39
CA ASN A 81 31.96 35.20 -16.27
C ASN A 81 32.75 35.05 -14.98
N SER A 82 32.61 33.91 -14.31
CA SER A 82 33.38 33.61 -13.11
C SER A 82 34.82 33.24 -13.43
N ASN A 83 35.15 33.06 -14.71
CA ASN A 83 36.52 32.84 -15.13
C ASN A 83 37.13 34.06 -15.81
N ASP A 84 36.56 35.23 -15.56
CA ASP A 84 37.11 36.50 -16.03
C ASP A 84 38.36 36.81 -15.21
N ARG A 85 39.53 36.54 -15.79
CA ARG A 85 40.84 36.80 -15.14
C ARG A 85 40.96 36.10 -13.79
N VAL A 86 40.60 34.83 -13.79
CA VAL A 86 40.69 33.95 -12.63
C VAL A 86 41.23 32.63 -13.15
N LYS A 87 42.28 32.11 -12.51
CA LYS A 87 42.72 30.73 -12.77
C LYS A 87 42.02 29.81 -11.79
N ARG A 88 41.44 28.73 -12.33
CA ARG A 88 40.82 27.68 -11.54
C ARG A 88 41.43 26.37 -11.99
N PHE A 89 41.84 25.54 -11.03
CA PHE A 89 42.65 24.36 -11.30
C PHE A 89 42.39 23.33 -10.22
N SER A 90 41.93 22.14 -10.63
CA SER A 90 41.51 21.09 -9.72
C SER A 90 42.37 19.85 -9.78
N LYS A 91 43.30 19.75 -10.70
CA LYS A 91 44.12 18.55 -10.82
C LYS A 91 45.21 18.52 -9.76
N LEU A 92 44.84 18.70 -8.49
CA LEU A 92 45.78 18.87 -7.40
C LEU A 92 46.31 17.55 -6.85
N VAL A 93 45.45 16.56 -6.65
CA VAL A 93 45.92 15.31 -6.07
C VAL A 93 46.82 14.53 -7.03
N THR A 94 46.66 14.75 -8.33
CA THR A 94 47.45 14.07 -9.34
C THR A 94 48.77 14.76 -9.68
N THR A 95 48.89 16.06 -9.37
CA THR A 95 49.99 16.96 -9.71
C THR A 95 50.94 17.19 -8.56
N SER A 96 50.42 17.31 -7.34
CA SER A 96 51.23 17.72 -6.18
C SER A 96 51.35 16.61 -5.15
N PRO A 97 52.52 15.99 -4.98
CA PRO A 97 52.67 14.99 -3.91
C PRO A 97 52.35 15.53 -2.53
N THR A 98 52.74 16.77 -2.24
CA THR A 98 52.50 17.35 -0.93
C THR A 98 51.00 17.50 -0.65
N PHE A 99 50.19 17.67 -1.68
CA PHE A 99 48.76 17.77 -1.46
C PHE A 99 48.17 16.40 -1.11
N ARG A 100 48.45 15.36 -1.90
CA ARG A 100 47.80 14.09 -1.64
C ARG A 100 48.32 13.40 -0.39
N HIS A 101 49.51 13.76 0.07
CA HIS A 101 50.14 13.11 1.20
C HIS A 101 50.05 13.90 2.49
N GLU A 102 50.09 15.21 2.45
CA GLU A 102 50.16 16.00 3.67
C GLU A 102 49.04 17.02 3.79
N ILE A 103 48.77 17.81 2.75
CA ILE A 103 47.74 18.83 2.88
C ILE A 103 46.37 18.18 3.03
N LEU A 104 46.09 17.12 2.26
CA LEU A 104 44.79 16.45 2.36
C LEU A 104 44.57 15.83 3.74
N GLU A 105 45.63 15.53 4.49
CA GLU A 105 45.53 14.82 5.76
C GLU A 105 45.52 15.79 6.93
N ASN A 106 44.46 16.59 6.97
CA ASN A 106 44.24 17.62 7.97
C ASN A 106 43.25 17.05 8.97
N ASP A 107 43.71 16.83 10.21
CA ASP A 107 42.84 16.19 11.19
C ASP A 107 41.77 17.15 11.68
N LEU A 108 42.14 18.40 11.92
CA LEU A 108 41.15 19.39 12.33
C LEU A 108 40.01 19.45 11.33
N MET A 109 40.33 19.45 10.04
CA MET A 109 39.29 19.47 9.02
C MET A 109 38.28 18.36 9.25
N HIS A 110 38.75 17.15 9.52
CA HIS A 110 37.82 16.05 9.72
C HIS A 110 37.09 16.15 11.05
N GLU A 111 37.73 16.68 12.10
CA GLU A 111 36.98 16.94 13.33
C GLU A 111 35.81 17.87 13.05
N LEU A 112 36.08 18.98 12.35
CA LEU A 112 35.04 19.96 12.08
C LEU A 112 34.02 19.40 11.11
N LEU A 113 34.47 18.65 10.11
CA LEU A 113 33.54 18.01 9.19
C LEU A 113 32.67 16.99 9.92
N GLN A 114 33.29 16.13 10.73
CA GLN A 114 32.52 15.22 11.59
C GLN A 114 31.41 15.99 12.31
N ARG A 115 31.78 17.02 13.08
CA ARG A 115 30.80 17.78 13.85
C ARG A 115 29.72 18.39 12.96
N VAL A 116 30.09 18.89 11.78
CA VAL A 116 29.09 19.50 10.91
C VAL A 116 28.13 18.45 10.37
N PHE A 117 28.66 17.41 9.73
CA PHE A 117 27.86 16.57 8.82
C PHE A 117 27.54 15.18 9.32
N SER A 118 28.34 14.62 10.22
CA SER A 118 28.25 13.21 10.51
C SER A 118 27.28 12.95 11.64
N LYS A 119 26.62 11.80 11.56
CA LYS A 119 25.82 11.25 12.63
C LYS A 119 26.50 10.02 13.21
N PRO A 120 26.64 9.94 14.55
CA PRO A 120 27.11 8.70 15.17
C PRO A 120 26.46 7.41 14.64
N GLY A 121 27.26 6.53 14.07
CA GLY A 121 26.78 5.26 13.58
C GLY A 121 26.49 5.19 12.11
N GLU A 122 26.67 6.27 11.35
CA GLU A 122 26.42 6.27 9.92
C GLU A 122 27.69 6.46 9.12
N GLY A 123 28.84 6.29 9.74
CA GLY A 123 30.09 6.39 9.03
C GLY A 123 30.47 7.83 8.87
N MET A 124 30.89 8.19 7.67
CA MET A 124 31.34 9.53 7.32
C MET A 124 30.21 10.26 6.59
N GLY A 125 29.75 11.36 7.17
CA GLY A 125 28.58 12.00 6.60
C GLY A 125 28.88 13.10 5.60
N TYR A 126 29.99 12.98 4.88
CA TYR A 126 30.49 14.07 4.05
C TYR A 126 31.56 13.55 3.08
N HIS A 127 31.71 14.26 1.96
CA HIS A 127 32.73 13.97 0.96
C HIS A 127 33.08 15.28 0.26
N PHE A 128 34.00 15.24 -0.70
CA PHE A 128 34.42 16.45 -1.41
C PHE A 128 33.48 16.80 -2.55
N ASN A 129 33.08 18.07 -2.61
CA ASN A 129 32.45 18.64 -3.80
C ASN A 129 33.51 18.96 -4.85
N ASP A 130 34.59 19.62 -4.44
CA ASP A 130 35.65 20.08 -5.32
C ASP A 130 36.86 20.43 -4.47
N THR A 131 38.05 20.31 -5.06
CA THR A 131 39.30 20.76 -4.45
C THR A 131 40.00 21.56 -5.51
N MET A 132 39.98 22.89 -5.38
CA MET A 132 40.34 23.76 -6.48
C MET A 132 41.26 24.88 -6.00
N VAL A 133 42.34 25.12 -6.73
CA VAL A 133 43.08 26.37 -6.57
C VAL A 133 42.44 27.42 -7.46
N ILE A 134 42.05 28.55 -6.85
CA ILE A 134 41.49 29.72 -7.53
C ILE A 134 42.49 30.85 -7.38
N GLU A 135 42.90 31.44 -8.50
CA GLU A 135 43.90 32.50 -8.49
C GLU A 135 43.28 33.72 -9.16
N VAL A 136 42.81 34.65 -8.34
CA VAL A 136 42.32 35.94 -8.85
C VAL A 136 43.50 36.69 -9.45
N GLN A 137 43.45 36.94 -10.76
CA GLN A 137 44.49 37.68 -11.43
C GLN A 137 44.37 39.16 -11.12
N PRO A 138 45.44 39.92 -11.29
CA PRO A 138 45.33 41.37 -11.10
C PRO A 138 44.33 42.00 -12.09
N GLY A 139 43.58 42.98 -11.58
CA GLY A 139 42.52 43.62 -12.35
C GLY A 139 41.20 42.88 -12.35
N ALA A 140 41.17 41.65 -11.84
CA ALA A 140 40.00 40.80 -11.92
C ALA A 140 38.86 41.38 -11.07
N PRO A 141 37.61 41.19 -11.49
CA PRO A 141 36.49 41.90 -10.88
C PRO A 141 35.84 41.15 -9.72
N ALA A 142 35.26 41.93 -8.81
CA ALA A 142 34.51 41.39 -7.69
C ALA A 142 33.42 40.45 -8.17
N GLN A 143 33.46 39.20 -7.71
CA GLN A 143 32.42 38.24 -8.09
C GLN A 143 31.15 38.55 -7.32
N ARG A 144 30.00 38.23 -7.93
CA ARG A 144 28.72 38.59 -7.34
C ARG A 144 28.57 37.94 -5.97
N LEU A 145 27.82 38.58 -5.08
CA LEU A 145 27.54 38.02 -3.76
C LEU A 145 26.57 36.84 -3.89
N HIS A 146 27.05 35.65 -3.59
CA HIS A 146 26.23 34.46 -3.70
C HIS A 146 26.38 33.64 -2.44
N ARG A 147 25.51 32.65 -2.30
CA ARG A 147 25.69 31.57 -1.38
C ARG A 147 26.15 30.34 -2.16
N ASP A 148 27.09 29.59 -1.57
CA ASP A 148 27.54 28.33 -2.18
C ASP A 148 26.42 27.30 -2.28
N GLN A 149 25.41 27.38 -1.41
CA GLN A 149 24.35 26.38 -1.43
C GLN A 149 23.31 26.67 -2.51
N GLU A 150 23.54 27.70 -3.31
CA GLU A 150 22.70 27.90 -4.49
C GLU A 150 22.92 26.79 -5.50
N LEU A 151 24.03 26.06 -5.37
CA LEU A 151 24.31 24.90 -6.22
C LEU A 151 23.21 23.85 -6.08
N TYR A 152 22.68 23.68 -4.87
CA TYR A 152 21.54 22.82 -4.57
C TYR A 152 20.31 23.69 -4.47
N PRO A 153 19.60 23.87 -5.57
CA PRO A 153 18.68 25.00 -5.70
C PRO A 153 17.64 25.09 -4.61
N TRP A 154 17.22 23.96 -4.08
CA TRP A 154 16.13 23.93 -3.12
C TRP A 154 16.56 24.31 -1.71
N TRP A 155 17.85 24.51 -1.45
CA TRP A 155 18.33 24.48 -0.06
C TRP A 155 18.04 25.78 0.69
N ASN A 156 17.95 26.91 -0.01
CA ASN A 156 17.65 28.16 0.68
C ASN A 156 16.25 28.13 1.32
N SER A 157 15.31 27.39 0.72
CA SER A 157 13.92 27.37 1.17
C SER A 157 13.78 26.78 2.56
N MET A 158 14.62 25.81 2.91
CA MET A 158 14.57 25.24 4.24
C MET A 158 15.00 26.24 5.31
N GLY A 159 15.47 27.42 4.90
CA GLY A 159 15.58 28.54 5.80
C GLY A 159 16.89 28.54 6.53
N PRO A 160 17.13 29.59 7.32
CA PRO A 160 18.38 29.66 8.10
C PRO A 160 18.57 28.51 9.06
N ASP A 161 17.50 27.82 9.45
CA ASP A 161 17.62 26.71 10.39
C ASP A 161 17.81 25.36 9.71
N ALA A 162 17.97 25.33 8.39
CA ALA A 162 18.18 24.10 7.65
C ALA A 162 19.48 23.44 8.09
N PRO A 163 19.60 22.13 7.91
CA PRO A 163 20.91 21.49 8.05
C PRO A 163 21.87 22.01 6.99
N GLU A 164 23.16 21.84 7.25
CA GLU A 164 24.16 22.27 6.29
C GLU A 164 24.23 21.29 5.12
N CYS A 165 24.37 21.83 3.92
CA CYS A 165 24.71 21.01 2.77
C CYS A 165 26.18 21.09 2.43
N LEU A 166 26.81 22.24 2.70
CA LEU A 166 28.13 22.60 2.15
C LEU A 166 28.96 23.38 3.16
N VAL A 167 30.27 23.08 3.22
CA VAL A 167 31.26 23.86 3.96
C VAL A 167 32.54 23.93 3.14
N ASN A 168 33.02 25.15 2.87
CA ASN A 168 34.27 25.37 2.16
C ASN A 168 35.32 25.83 3.16
N PHE A 169 36.50 25.22 3.09
CA PHE A 169 37.65 25.69 3.85
C PHE A 169 38.51 26.46 2.86
N PHE A 170 38.30 27.77 2.81
CA PHE A 170 38.93 28.59 1.78
C PHE A 170 40.25 29.11 2.30
N CYS A 171 41.34 28.50 1.84
CA CYS A 171 42.67 28.66 2.41
C CYS A 171 43.48 29.64 1.59
N ALA A 172 44.38 30.35 2.27
CA ALA A 172 45.31 31.24 1.57
C ALA A 172 46.55 30.45 1.17
N VAL A 173 46.86 30.43 -0.11
CA VAL A 173 48.16 29.96 -0.54
C VAL A 173 49.17 31.10 -0.55
N THR A 174 48.76 32.30 -1.04
CA THR A 174 49.48 33.58 -0.96
C THR A 174 48.60 34.56 -0.19
N PRO A 175 49.12 35.70 0.28
CA PRO A 175 48.32 36.56 1.17
C PRO A 175 47.07 37.13 0.52
N PHE A 176 46.02 37.19 1.32
CA PHE A 176 44.77 37.85 0.96
C PHE A 176 44.82 39.26 1.55
N THR A 177 44.85 40.26 0.68
CA THR A 177 44.70 41.64 1.09
C THR A 177 43.34 42.11 0.62
N VAL A 178 42.87 43.22 1.17
CA VAL A 178 41.56 43.73 0.77
C VAL A 178 41.55 43.97 -0.73
N GLU A 179 42.68 44.34 -1.29
CA GLU A 179 42.77 44.86 -2.65
C GLU A 179 43.25 43.85 -3.65
N ASN A 180 43.73 42.69 -3.24
CA ASN A 180 44.12 41.70 -4.22
C ASN A 180 43.05 40.64 -4.38
N GLY A 181 41.84 40.92 -3.94
CA GLY A 181 40.72 40.03 -4.16
C GLY A 181 40.28 39.15 -3.00
N ALA A 182 40.75 39.43 -1.78
CA ALA A 182 40.27 38.72 -0.59
C ALA A 182 38.75 38.59 -0.62
N THR A 183 38.27 37.38 -0.33
CA THR A 183 36.84 37.05 -0.37
C THR A 183 36.04 38.01 0.51
N ARG A 184 34.98 38.57 -0.04
CA ARG A 184 34.12 39.49 0.71
C ARG A 184 32.97 38.71 1.32
N LEU A 185 32.90 38.70 2.65
CA LEU A 185 31.96 37.86 3.39
C LEU A 185 31.01 38.70 4.22
N VAL A 186 29.76 38.26 4.38
CA VAL A 186 28.76 38.90 5.23
C VAL A 186 28.56 38.01 6.46
N PRO A 187 29.07 38.41 7.65
CA PRO A 187 29.09 37.45 8.78
C PRO A 187 27.73 36.96 9.24
N GLY A 188 26.70 37.80 9.22
CA GLY A 188 25.42 37.38 9.76
C GLY A 188 24.54 36.64 8.78
N SER A 189 24.90 36.66 7.49
CA SER A 189 24.19 35.97 6.41
C SER A 189 23.72 34.59 6.83
N ASN A 190 24.57 33.92 7.61
CA ASN A 190 24.33 32.59 8.15
C ASN A 190 22.91 32.41 8.70
N ARG A 191 22.31 33.47 9.26
CA ARG A 191 21.10 33.37 10.06
C ARG A 191 19.97 34.27 9.55
N TRP A 192 20.09 34.82 8.33
CA TRP A 192 19.12 35.79 7.87
C TRP A 192 17.71 35.22 7.79
N PRO A 193 16.71 36.11 7.67
CA PRO A 193 15.31 35.67 7.74
C PRO A 193 14.94 34.74 6.61
N GLU A 194 15.08 35.24 5.38
CA GLU A 194 14.79 34.49 4.16
C GLU A 194 16.11 34.34 3.40
N LEU A 195 16.59 33.12 3.31
CA LEU A 195 17.75 32.88 2.47
C LEU A 195 17.26 32.88 1.03
N THR A 196 17.73 33.84 0.23
CA THR A 196 17.31 33.94 -1.16
C THR A 196 18.51 34.13 -2.08
N LEU A 197 18.23 34.05 -3.37
CA LEU A 197 19.19 34.43 -4.38
C LEU A 197 19.49 35.92 -4.19
N ILE A 198 20.73 36.24 -3.82
CA ILE A 198 21.10 37.62 -3.50
C ILE A 198 21.22 38.47 -4.77
N ASP A 202 16.00 38.82 -6.36
CA ASP A 202 14.80 38.82 -5.53
C ASP A 202 15.10 39.30 -4.11
N CYS A 203 16.03 40.15 -3.99
CA CYS A 203 16.57 40.51 -2.69
C CYS A 203 16.07 41.85 -2.19
N PRO A 204 15.70 41.91 -0.91
CA PRO A 204 15.17 43.16 -0.32
C PRO A 204 16.21 44.10 0.24
N GLN A 205 17.40 43.63 0.57
CA GLN A 205 18.49 44.48 1.05
C GLN A 205 19.53 44.75 -0.03
N TYR A 206 19.25 44.39 -1.27
CA TYR A 206 20.19 44.48 -2.39
C TYR A 206 20.99 45.78 -2.48
N ASP A 210 26.91 44.97 2.13
CA ASP A 210 27.84 45.21 3.25
C ASP A 210 28.72 43.98 3.55
N SER A 211 29.94 43.97 2.99
CA SER A 211 30.83 42.82 3.00
C SER A 211 32.17 43.15 3.64
N VAL A 212 32.79 42.13 4.24
CA VAL A 212 34.07 42.21 4.93
C VAL A 212 35.12 41.41 4.17
N PRO A 213 36.35 41.89 3.98
CA PRO A 213 37.36 41.08 3.29
C PRO A 213 37.85 39.94 4.18
N ALA A 214 38.21 38.83 3.53
CA ALA A 214 38.79 37.68 4.23
C ALA A 214 40.31 37.80 4.21
N ILE A 215 40.79 38.73 5.03
CA ILE A 215 42.21 39.01 5.16
C ILE A 215 42.86 37.86 5.90
N MET A 216 43.92 37.29 5.32
CA MET A 216 44.63 36.21 6.01
C MET A 216 45.97 35.96 5.34
N GLN A 217 46.80 35.22 6.03
CA GLN A 217 48.16 34.89 5.65
C GLN A 217 48.21 33.50 5.08
N PRO A 218 49.23 33.21 4.26
CA PRO A 218 49.34 31.86 3.65
C PRO A 218 49.34 30.75 4.70
N GLY A 219 48.42 29.80 4.53
CA GLY A 219 48.17 28.78 5.49
C GLY A 219 46.89 28.98 6.28
N ASP A 220 46.47 30.22 6.49
CA ASP A 220 45.20 30.43 7.17
C ASP A 220 44.05 29.93 6.30
N CYS A 221 42.86 29.83 6.90
CA CYS A 221 41.70 29.50 6.11
C CYS A 221 40.47 30.05 6.80
N TYR A 222 39.47 30.39 6.01
CA TYR A 222 38.12 30.62 6.49
C TYR A 222 37.33 29.32 6.33
N MET A 223 36.52 29.00 7.31
CA MET A 223 35.59 27.89 7.23
C MET A 223 34.21 28.51 7.10
N MET A 224 33.57 28.35 5.95
CA MET A 224 32.37 29.09 5.60
C MET A 224 31.21 28.15 5.33
N SER A 225 30.08 28.43 5.98
CA SER A 225 28.83 27.73 5.67
C SER A 225 28.40 28.02 4.24
N GLY A 226 27.66 27.08 3.66
CA GLY A 226 26.95 27.32 2.43
C GLY A 226 25.83 28.33 2.56
N LYS A 227 25.43 28.65 3.79
CA LYS A 227 24.43 29.70 4.04
C LYS A 227 24.99 31.11 3.97
N VAL A 228 26.31 31.28 3.84
CA VAL A 228 26.96 32.58 4.02
C VAL A 228 27.14 33.25 2.66
N ILE A 229 26.66 34.51 2.57
CA ILE A 229 26.79 35.30 1.35
C ILE A 229 28.21 35.82 1.25
N HIS A 230 28.75 35.79 0.05
CA HIS A 230 30.16 36.06 -0.14
C HIS A 230 30.44 36.13 -1.64
N GLY A 231 31.63 36.60 -1.97
CA GLY A 231 32.09 36.58 -3.34
C GLY A 231 33.55 36.96 -3.40
N ALA A 232 34.20 36.51 -4.46
CA ALA A 232 35.57 36.90 -4.70
C ALA A 232 35.69 38.41 -4.72
N GLY A 233 36.84 38.91 -4.31
CA GLY A 233 37.07 40.33 -4.37
C GLY A 233 37.72 40.72 -5.67
N HIS A 234 37.61 42.00 -6.00
CA HIS A 234 38.27 42.57 -7.18
C HIS A 234 39.74 42.81 -6.88
N ASN A 235 40.63 42.16 -7.63
CA ASN A 235 42.07 42.27 -7.41
C ASN A 235 42.54 43.57 -8.05
N ALA A 236 42.51 44.64 -7.26
CA ALA A 236 42.92 45.96 -7.71
C ALA A 236 44.43 46.07 -7.94
N THR A 237 45.25 45.23 -7.29
CA THR A 237 46.70 45.27 -7.45
C THR A 237 47.10 45.06 -8.92
N LEU A 238 48.40 45.06 -9.20
CA LEU A 238 48.89 44.99 -10.58
C LEU A 238 49.68 43.74 -10.89
N SER A 239 50.33 43.11 -9.89
CA SER A 239 51.00 41.84 -10.08
C SER A 239 50.70 40.82 -8.99
N ASP A 240 49.81 41.13 -8.06
CA ASP A 240 49.51 40.22 -6.94
C ASP A 240 48.48 39.22 -7.43
N GLN A 241 48.97 38.07 -7.89
CA GLN A 241 48.09 36.96 -8.27
C GLN A 241 47.64 36.27 -6.99
N ARG A 242 46.42 36.57 -6.57
CA ARG A 242 45.92 36.07 -5.29
C ARG A 242 45.55 34.60 -5.46
N ARG A 243 46.30 33.72 -4.78
CA ARG A 243 46.10 32.29 -4.88
C ARG A 243 45.42 31.78 -3.61
N ALA A 244 44.50 30.84 -3.78
CA ALA A 244 43.70 30.28 -2.71
C ALA A 244 43.64 28.78 -2.91
N LEU A 245 43.29 28.06 -1.86
CA LEU A 245 43.06 26.61 -1.93
C LEU A 245 41.74 26.28 -1.26
N ALA A 246 40.73 25.93 -2.06
CA ALA A 246 39.36 25.74 -1.59
C ALA A 246 39.03 24.25 -1.44
N PHE A 247 38.60 23.86 -0.25
CA PHE A 247 38.12 22.50 0.03
C PHE A 247 36.61 22.56 0.19
N SER A 248 35.91 22.30 -0.91
CA SER A 248 34.45 22.34 -0.95
C SER A 248 33.97 20.94 -0.57
N THR A 249 33.31 20.83 0.57
CA THR A 249 32.80 19.55 1.06
C THR A 249 31.28 19.64 1.16
N ILE A 250 30.62 18.50 0.96
CA ILE A 250 29.16 18.44 0.88
C ILE A 250 28.71 17.23 1.68
N ARG A 251 27.42 17.18 2.00
CA ARG A 251 26.96 16.02 2.74
C ARG A 251 26.86 14.80 1.83
N ARG A 252 27.03 13.63 2.46
CA ARG A 252 27.09 12.33 1.79
C ARG A 252 25.99 12.14 0.74
N GLU A 253 24.82 12.70 0.98
CA GLU A 253 23.66 12.48 0.13
C GLU A 253 23.62 13.40 -1.09
N LEU A 254 24.65 14.19 -1.35
CA LEU A 254 24.64 15.16 -2.44
C LEU A 254 25.70 14.85 -3.49
N ARG A 255 25.41 15.21 -4.75
CA ARG A 255 26.32 14.92 -5.86
C ARG A 255 27.37 16.01 -6.00
N PRO A 256 28.65 15.65 -6.16
CA PRO A 256 29.68 16.67 -6.31
C PRO A 256 29.79 17.15 -7.75
N VAL A 257 30.34 18.36 -7.90
CA VAL A 257 30.51 18.93 -9.23
C VAL A 257 31.61 18.21 -10.01
N GLN A 258 32.59 17.63 -9.32
CA GLN A 258 33.69 16.95 -9.97
C GLN A 258 33.45 15.46 -9.92
N ALA A 259 33.57 14.80 -11.08
CA ALA A 259 33.54 13.34 -11.16
C ALA A 259 34.90 12.78 -10.78
N PHE A 260 35.29 13.01 -9.53
CA PHE A 260 36.64 12.67 -9.07
C PHE A 260 37.04 11.22 -9.31
N PRO A 261 36.28 10.20 -8.86
CA PRO A 261 36.77 8.83 -9.00
C PRO A 261 36.86 8.37 -10.44
N LEU A 262 36.30 9.13 -11.38
CA LEU A 262 36.44 8.75 -12.78
C LEU A 262 37.75 9.28 -13.37
N TRP A 263 38.13 10.53 -13.07
CA TRP A 263 39.30 11.15 -13.69
C TRP A 263 40.57 11.13 -12.82
N ILE A 264 40.48 10.78 -11.55
CA ILE A 264 41.70 10.50 -10.78
C ILE A 264 42.12 9.05 -11.07
N PRO A 265 43.40 8.79 -11.37
CA PRO A 265 43.83 7.41 -11.63
C PRO A 265 43.92 6.58 -10.36
N MET A 266 43.61 5.28 -10.49
CA MET A 266 43.73 4.38 -9.35
C MET A 266 45.15 4.39 -8.76
N GLN A 267 46.15 4.78 -9.54
CA GLN A 267 47.51 4.90 -9.02
C GLN A 267 47.59 5.91 -7.90
N ILE A 268 47.01 7.10 -8.10
CA ILE A 268 47.01 8.10 -7.04
C ILE A 268 46.13 7.65 -5.88
N ALA A 269 44.97 7.05 -6.20
CA ALA A 269 44.01 6.65 -5.18
C ALA A 269 44.60 5.65 -4.19
N THR A 270 45.48 4.77 -4.67
CA THR A 270 46.14 3.84 -3.77
C THR A 270 47.22 4.50 -2.93
N GLU A 271 47.51 5.78 -3.12
CA GLU A 271 48.43 6.47 -2.24
C GLU A 271 47.72 7.27 -1.16
N LEU A 272 46.42 7.53 -1.35
CA LEU A 272 45.62 8.27 -0.40
C LEU A 272 45.27 7.40 0.80
N SER A 273 45.07 8.05 1.93
CA SER A 273 44.59 7.34 3.09
C SER A 273 43.14 6.91 2.86
N PRO A 274 42.64 5.97 3.65
CA PRO A 274 41.25 5.53 3.45
C PRO A 274 40.21 6.62 3.61
N ARG A 275 40.30 7.49 4.62
CA ARG A 275 39.32 8.58 4.73
C ARG A 275 39.39 9.51 3.54
N THR A 276 40.58 9.67 2.98
CA THR A 276 40.78 10.51 1.81
C THR A 276 40.26 9.83 0.55
N GLN A 277 40.43 8.51 0.44
CA GLN A 277 39.81 7.78 -0.65
C GLN A 277 38.29 7.92 -0.64
N ALA A 278 37.70 7.93 0.55
CA ALA A 278 36.27 8.15 0.65
C ALA A 278 35.90 9.58 0.31
N MET A 279 36.76 10.54 0.66
CA MET A 279 36.54 11.93 0.26
C MET A 279 36.32 12.06 -1.24
N PHE A 280 37.09 11.30 -2.02
CA PHE A 280 37.10 11.37 -3.49
C PHE A 280 36.27 10.27 -4.14
N GLY A 281 35.46 9.56 -3.38
CA GLY A 281 34.55 8.60 -3.97
C GLY A 281 35.14 7.27 -4.39
N PHE A 282 36.29 6.89 -3.85
CA PHE A 282 36.85 5.57 -4.11
C PHE A 282 36.38 4.54 -3.10
N ARG A 283 35.94 4.97 -1.92
CA ARG A 283 35.28 4.18 -0.88
C ARG A 283 33.87 4.72 -0.69
N SER A 284 33.03 3.96 0.03
CA SER A 284 31.71 4.44 0.43
C SER A 284 31.65 4.84 1.90
N SER A 285 32.76 4.75 2.63
CA SER A 285 32.82 4.87 4.10
C SER A 285 32.16 6.12 4.66
N VAL A 294 27.69 1.26 1.94
CA VAL A 294 26.38 0.76 2.39
C VAL A 294 25.26 1.74 2.06
N HIS A 295 25.25 2.90 2.74
CA HIS A 295 24.18 3.87 2.57
C HIS A 295 24.14 4.44 1.15
N PHE A 296 25.24 5.08 0.71
CA PHE A 296 25.32 5.71 -0.60
C PHE A 296 26.57 5.25 -1.34
N TRP A 297 26.55 5.40 -2.66
CA TRP A 297 27.71 5.20 -3.53
C TRP A 297 28.34 3.82 -3.30
N GLY A 298 27.52 2.79 -3.44
CA GLY A 298 27.91 1.45 -3.04
C GLY A 298 27.84 0.45 -4.17
N ASN A 299 27.96 -0.82 -3.83
CA ASN A 299 27.84 -1.90 -4.79
C ASN A 299 26.94 -2.95 -4.13
N ASP A 300 25.64 -2.84 -4.37
CA ASP A 300 24.65 -3.78 -3.82
C ASP A 300 24.79 -3.88 -2.29
N GLY A 301 24.87 -2.71 -1.65
CA GLY A 301 25.03 -2.62 -0.20
C GLY A 301 26.45 -2.75 0.29
N LYS A 302 27.34 -3.30 -0.51
CA LYS A 302 28.74 -3.34 -0.18
C LYS A 302 29.41 -2.03 -0.57
N ASP A 303 30.51 -1.73 0.10
CA ASP A 303 31.33 -0.58 -0.25
C ASP A 303 31.88 -0.75 -1.67
N ILE A 304 31.95 0.36 -2.42
CA ILE A 304 32.53 0.29 -3.76
C ILE A 304 34.04 0.03 -3.71
N GLY A 305 34.71 0.31 -2.59
CA GLY A 305 36.14 0.07 -2.50
C GLY A 305 36.52 -1.39 -2.49
N GLU A 306 35.60 -2.27 -2.05
CA GLU A 306 35.79 -3.69 -2.23
C GLU A 306 35.97 -4.05 -3.69
N HIS A 307 35.07 -3.54 -4.52
CA HIS A 307 35.18 -3.78 -5.94
C HIS A 307 36.53 -3.29 -6.49
N LEU A 308 36.99 -2.13 -6.03
CA LEU A 308 38.21 -1.48 -6.53
C LEU A 308 39.49 -2.01 -5.89
N GLY A 309 39.42 -2.97 -5.00
CA GLY A 309 40.61 -3.54 -4.43
C GLY A 309 41.10 -2.84 -3.19
N LEU A 310 40.54 -1.66 -2.88
CA LEU A 310 40.98 -0.89 -1.73
C LEU A 310 40.61 -1.56 -0.42
N ILE A 311 39.54 -2.36 -0.41
CA ILE A 311 39.10 -3.10 0.75
C ILE A 311 39.08 -4.58 0.40
N SER A 312 39.65 -5.40 1.27
CA SER A 312 39.69 -6.84 1.05
C SER A 312 39.17 -7.56 2.28
N SER A 313 38.33 -8.56 2.07
CA SER A 313 37.66 -9.21 3.18
C SER A 313 38.57 -10.26 3.81
N LEU B 25 -47.80 8.75 3.55
CA LEU B 25 -46.38 8.43 3.35
C LEU B 25 -45.54 9.69 3.46
N GLN B 26 -44.81 9.82 4.57
CA GLN B 26 -44.15 11.07 4.89
C GLN B 26 -42.95 11.30 3.98
N LYS B 27 -42.81 12.53 3.45
CA LYS B 27 -41.76 12.87 2.50
C LYS B 27 -40.83 13.93 3.08
N PHE B 28 -39.56 13.90 2.66
CA PHE B 28 -38.49 14.74 3.19
C PHE B 28 -37.47 15.04 2.11
N PRO B 29 -36.85 16.22 2.13
CA PRO B 29 -35.67 16.46 1.28
C PRO B 29 -34.43 15.83 1.89
N ALA B 30 -33.49 15.49 1.02
CA ALA B 30 -32.25 14.91 1.52
C ALA B 30 -31.52 15.86 2.47
N THR B 31 -31.87 17.15 2.42
CA THR B 31 -31.30 18.15 3.34
C THR B 31 -31.83 18.01 4.76
N ALA B 32 -32.90 17.23 4.97
CA ALA B 32 -33.47 17.06 6.30
C ALA B 32 -32.49 16.35 7.22
N PRO B 33 -32.60 16.55 8.54
CA PRO B 33 -31.70 15.84 9.45
C PRO B 33 -32.09 14.37 9.51
N ALA B 34 -31.07 13.51 9.53
CA ALA B 34 -31.29 12.07 9.50
C ALA B 34 -32.07 11.58 10.71
N ASP B 35 -32.02 12.29 11.83
CA ASP B 35 -32.88 11.92 12.95
C ASP B 35 -34.34 12.05 12.57
N GLU B 36 -34.69 13.10 11.79
CA GLU B 36 -36.07 13.36 11.43
C GLU B 36 -36.54 12.45 10.31
N ILE B 37 -35.67 12.14 9.35
CA ILE B 37 -36.05 11.20 8.30
C ILE B 37 -36.19 9.78 8.87
N TYR B 38 -35.25 9.38 9.71
CA TYR B 38 -35.23 8.03 10.26
C TYR B 38 -36.40 7.79 11.21
N ALA B 39 -36.84 8.83 11.93
CA ALA B 39 -38.00 8.68 12.79
C ALA B 39 -39.25 8.31 11.99
N ALA B 40 -39.45 8.96 10.84
CA ALA B 40 -40.56 8.59 9.96
C ALA B 40 -40.43 7.15 9.49
N PHE B 41 -39.22 6.75 9.09
CA PHE B 41 -38.96 5.38 8.69
C PHE B 41 -39.26 4.41 9.83
N LYS B 42 -38.85 4.76 11.05
CA LYS B 42 -39.07 3.87 12.18
C LYS B 42 -40.54 3.54 12.35
N GLU B 43 -41.41 4.54 12.18
CA GLU B 43 -42.85 4.38 12.39
C GLU B 43 -43.58 3.99 11.12
N ASP B 44 -43.27 4.63 10.00
CA ASP B 44 -43.99 4.32 8.77
C ASP B 44 -43.46 3.06 8.09
N GLY B 45 -42.23 2.64 8.39
CA GLY B 45 -41.58 1.61 7.61
C GLY B 45 -41.25 2.00 6.19
N CYS B 46 -41.66 3.19 5.77
CA CYS B 46 -41.34 3.73 4.47
C CYS B 46 -41.38 5.26 4.57
N VAL B 47 -40.48 5.91 3.84
CA VAL B 47 -40.39 7.35 3.89
C VAL B 47 -39.66 7.79 2.62
N ILE B 48 -40.32 8.59 1.80
CA ILE B 48 -39.74 9.06 0.54
C ILE B 48 -38.78 10.22 0.84
N ILE B 49 -37.58 10.13 0.27
CA ILE B 49 -36.55 11.16 0.41
C ILE B 49 -36.30 11.74 -0.98
N GLU B 50 -36.53 13.05 -1.11
CA GLU B 50 -36.42 13.72 -2.40
C GLU B 50 -35.01 14.26 -2.57
N GLY B 51 -34.49 14.15 -3.79
CA GLY B 51 -33.14 14.57 -4.05
C GLY B 51 -32.11 13.68 -3.42
N PHE B 52 -32.49 12.46 -3.05
CA PHE B 52 -31.58 11.51 -2.44
C PHE B 52 -30.29 11.38 -3.25
N VAL B 53 -30.43 11.19 -4.56
CA VAL B 53 -29.31 11.28 -5.49
C VAL B 53 -29.48 12.56 -6.30
N PRO B 54 -28.46 13.43 -6.34
CA PRO B 54 -28.48 14.56 -7.26
C PRO B 54 -28.83 14.13 -8.67
N PRO B 55 -29.76 14.84 -9.31
CA PRO B 55 -30.24 14.43 -10.65
C PRO B 55 -29.21 14.57 -11.74
N ASP B 56 -28.13 15.33 -11.53
CA ASP B 56 -27.07 15.40 -12.54
C ASP B 56 -26.28 14.11 -12.58
N GLN B 57 -26.02 13.51 -11.42
CA GLN B 57 -25.35 12.22 -11.38
C GLN B 57 -26.29 11.11 -11.84
N MET B 58 -27.56 11.18 -11.44
CA MET B 58 -28.51 10.14 -11.82
C MET B 58 -28.71 10.07 -13.33
N ALA B 59 -28.69 11.22 -14.01
CA ALA B 59 -28.80 11.25 -15.47
C ALA B 59 -27.49 10.87 -16.13
N ARG B 60 -26.36 11.16 -15.47
CA ARG B 60 -25.05 10.74 -15.96
C ARG B 60 -24.84 9.25 -15.74
N PHE B 61 -25.25 8.73 -14.58
CA PHE B 61 -25.16 7.29 -14.33
C PHE B 61 -26.02 6.51 -15.31
N SER B 62 -27.25 6.96 -15.53
CA SER B 62 -28.13 6.25 -16.47
C SER B 62 -27.61 6.27 -17.89
N GLN B 63 -26.79 7.26 -18.25
CA GLN B 63 -26.22 7.33 -19.58
C GLN B 63 -24.96 6.47 -19.70
N GLU B 64 -24.19 6.33 -18.62
CA GLU B 64 -23.03 5.45 -18.64
C GLU B 64 -23.44 3.98 -18.83
N ILE B 65 -24.59 3.58 -18.29
CA ILE B 65 -25.01 2.18 -18.37
C ILE B 65 -26.01 1.95 -19.50
N GLN B 66 -26.30 2.97 -20.31
CA GLN B 66 -27.26 2.79 -21.40
C GLN B 66 -26.83 1.78 -22.45
N PRO B 67 -25.59 1.82 -22.99
CA PRO B 67 -25.21 0.80 -23.98
C PRO B 67 -25.34 -0.62 -23.49
N ALA B 68 -25.20 -0.85 -22.17
CA ALA B 68 -25.36 -2.17 -21.61
C ALA B 68 -26.82 -2.52 -21.38
N MET B 69 -27.68 -1.52 -21.13
CA MET B 69 -29.11 -1.76 -21.05
C MET B 69 -29.67 -2.18 -22.40
N GLU B 70 -29.31 -1.47 -23.46
CA GLU B 70 -29.78 -1.83 -24.80
C GLU B 70 -29.46 -3.28 -25.12
N LYS B 71 -28.24 -3.71 -24.82
CA LYS B 71 -27.79 -5.07 -25.06
C LYS B 71 -28.43 -6.10 -24.13
N ILE B 72 -29.74 -6.00 -23.85
CA ILE B 72 -30.44 -6.92 -22.95
C ILE B 72 -31.81 -7.23 -23.54
N GLN B 73 -31.97 -8.43 -24.10
CA GLN B 73 -33.27 -8.85 -24.57
C GLN B 73 -34.24 -9.03 -23.40
N VAL B 74 -35.47 -8.54 -23.56
CA VAL B 74 -36.48 -8.72 -22.53
C VAL B 74 -37.28 -9.98 -22.83
N GLN B 75 -37.96 -10.50 -21.81
CA GLN B 75 -38.70 -11.75 -21.88
C GLN B 75 -40.19 -11.51 -21.60
N VAL B 76 -41.05 -12.29 -22.26
CA VAL B 76 -42.51 -12.12 -22.16
C VAL B 76 -43.10 -13.43 -21.63
N THR B 77 -43.17 -13.55 -20.30
CA THR B 77 -43.82 -14.67 -19.60
C THR B 77 -45.32 -14.48 -19.46
N ASN B 78 -45.97 -13.97 -20.49
CA ASN B 78 -47.36 -13.59 -20.37
C ASN B 78 -48.21 -14.76 -19.91
N ASN B 81 -42.99 -14.80 -14.35
CA ASN B 81 -41.58 -14.52 -14.09
C ASN B 81 -41.44 -13.11 -13.57
N SER B 82 -40.42 -12.85 -12.76
CA SER B 82 -40.13 -11.50 -12.35
C SER B 82 -39.40 -10.72 -13.43
N ASN B 83 -38.76 -11.41 -14.36
CA ASN B 83 -38.18 -10.77 -15.53
C ASN B 83 -39.16 -10.74 -16.70
N ASP B 84 -40.45 -10.84 -16.42
CA ASP B 84 -41.52 -10.64 -17.40
C ASP B 84 -41.53 -9.16 -17.80
N ARG B 85 -40.78 -8.83 -18.86
CA ARG B 85 -40.74 -7.46 -19.38
C ARG B 85 -40.18 -6.50 -18.34
N VAL B 86 -39.15 -6.95 -17.63
CA VAL B 86 -38.49 -6.15 -16.61
C VAL B 86 -37.01 -6.37 -16.83
N LYS B 87 -36.26 -5.29 -17.03
CA LYS B 87 -34.81 -5.40 -17.14
C LYS B 87 -34.19 -5.28 -15.76
N ARG B 88 -33.20 -6.14 -15.48
CA ARG B 88 -32.47 -6.18 -14.20
C ARG B 88 -30.98 -6.24 -14.47
N PHE B 89 -30.24 -5.25 -13.97
CA PHE B 89 -28.84 -5.06 -14.34
C PHE B 89 -28.07 -4.59 -13.12
N SER B 90 -27.12 -5.40 -12.69
CA SER B 90 -26.42 -5.19 -11.44
C SER B 90 -24.93 -4.91 -11.60
N LYS B 91 -24.42 -4.82 -12.82
CA LYS B 91 -23.00 -4.50 -13.02
C LYS B 91 -22.80 -3.00 -13.04
N LEU B 92 -23.42 -2.32 -12.08
CA LEU B 92 -23.37 -0.87 -12.06
C LEU B 92 -21.98 -0.35 -11.70
N VAL B 93 -21.34 -0.96 -10.71
CA VAL B 93 -20.05 -0.45 -10.23
C VAL B 93 -18.96 -0.66 -11.27
N THR B 94 -19.01 -1.77 -11.99
CA THR B 94 -18.04 -2.12 -13.01
C THR B 94 -18.29 -1.46 -14.35
N THR B 95 -19.38 -0.70 -14.52
CA THR B 95 -19.64 -0.03 -15.81
C THR B 95 -19.91 1.47 -15.71
N SER B 96 -20.20 2.03 -14.54
CA SER B 96 -20.56 3.44 -14.43
C SER B 96 -19.60 4.19 -13.52
N PRO B 97 -18.74 5.06 -14.06
CA PRO B 97 -17.86 5.85 -13.18
C PRO B 97 -18.59 6.75 -12.21
N THR B 98 -19.71 7.36 -12.66
CA THR B 98 -20.49 8.23 -11.78
C THR B 98 -21.01 7.45 -10.59
N PHE B 99 -21.67 6.32 -10.84
CA PHE B 99 -22.10 5.45 -9.77
C PHE B 99 -20.95 5.04 -8.87
N ARG B 100 -19.79 4.79 -9.47
CA ARG B 100 -18.67 4.20 -8.74
C ARG B 100 -17.96 5.21 -7.84
N HIS B 101 -17.94 6.49 -8.24
CA HIS B 101 -17.20 7.53 -7.51
C HIS B 101 -18.09 8.58 -6.84
N GLU B 102 -19.30 8.82 -7.35
CA GLU B 102 -20.17 9.80 -6.72
C GLU B 102 -21.49 9.22 -6.26
N ILE B 103 -22.18 8.44 -7.12
CA ILE B 103 -23.53 8.03 -6.77
C ILE B 103 -23.50 7.05 -5.60
N LEU B 104 -22.42 6.28 -5.47
CA LEU B 104 -22.28 5.35 -4.35
C LEU B 104 -21.95 6.06 -3.03
N GLU B 105 -21.27 7.20 -3.07
CA GLU B 105 -20.84 7.88 -1.85
C GLU B 105 -21.94 8.84 -1.38
N ASN B 106 -22.96 8.26 -0.75
CA ASN B 106 -24.15 8.99 -0.30
C ASN B 106 -24.09 9.08 1.22
N ASP B 107 -23.84 10.29 1.75
CA ASP B 107 -23.74 10.45 3.19
C ASP B 107 -25.08 10.27 3.87
N LEU B 108 -26.19 10.59 3.21
CA LEU B 108 -27.47 10.43 3.87
C LEU B 108 -27.85 8.96 3.98
N MET B 109 -27.66 8.20 2.91
CA MET B 109 -27.86 6.76 2.98
C MET B 109 -27.10 6.15 4.16
N HIS B 110 -25.85 6.57 4.36
CA HIS B 110 -25.05 5.96 5.41
C HIS B 110 -25.43 6.47 6.78
N GLU B 111 -25.82 7.74 6.90
CA GLU B 111 -26.37 8.19 8.17
C GLU B 111 -27.57 7.34 8.57
N LEU B 112 -28.47 7.13 7.62
CA LEU B 112 -29.70 6.37 7.88
C LEU B 112 -29.43 4.92 8.19
N LEU B 113 -28.40 4.32 7.56
CA LEU B 113 -28.12 2.91 7.81
C LEU B 113 -27.47 2.68 9.17
N GLN B 114 -26.54 3.55 9.59
CA GLN B 114 -26.00 3.48 10.95
C GLN B 114 -27.10 3.43 11.98
N ARG B 115 -28.15 4.21 11.77
CA ARG B 115 -29.24 4.27 12.73
C ARG B 115 -30.11 3.03 12.65
N VAL B 116 -30.30 2.47 11.46
CA VAL B 116 -31.07 1.25 11.34
C VAL B 116 -30.26 0.02 11.77
N PHE B 117 -28.94 0.02 11.59
CA PHE B 117 -28.24 -1.26 11.62
C PHE B 117 -27.06 -1.36 12.59
N SER B 118 -26.40 -0.24 12.87
CA SER B 118 -25.13 -0.28 13.57
C SER B 118 -25.32 -0.11 15.07
N LYS B 119 -24.46 -0.77 15.82
CA LYS B 119 -24.30 -0.63 17.26
C LYS B 119 -22.99 0.06 17.57
N PRO B 120 -23.00 1.01 18.50
CA PRO B 120 -21.78 1.75 18.79
C PRO B 120 -20.65 0.79 19.13
N GLY B 121 -19.47 1.10 18.60
CA GLY B 121 -18.33 0.22 18.77
C GLY B 121 -18.19 -0.74 17.64
N MET B 124 -19.67 -1.47 11.75
CA MET B 124 -20.63 -1.27 10.67
C MET B 124 -21.62 -2.42 10.63
N GLY B 125 -22.89 -2.16 10.93
CA GLY B 125 -23.87 -3.22 11.06
C GLY B 125 -24.54 -3.69 9.78
N TYR B 126 -24.03 -3.29 8.61
CA TYR B 126 -24.77 -3.47 7.37
C TYR B 126 -23.80 -3.57 6.20
N HIS B 127 -24.32 -4.04 5.06
CA HIS B 127 -23.59 -4.15 3.80
C HIS B 127 -24.62 -4.27 2.68
N PHE B 128 -24.15 -4.33 1.44
CA PHE B 128 -25.04 -4.38 0.28
C PHE B 128 -25.56 -5.80 0.02
N ASN B 129 -26.87 -5.93 -0.19
CA ASN B 129 -27.43 -7.18 -0.70
C ASN B 129 -27.33 -7.20 -2.23
N ASP B 130 -27.60 -6.06 -2.84
CA ASP B 130 -27.66 -5.95 -4.30
C ASP B 130 -27.64 -4.47 -4.64
N THR B 131 -27.18 -4.18 -5.84
CA THR B 131 -27.33 -2.87 -6.46
C THR B 131 -27.78 -3.17 -7.88
N MET B 132 -29.03 -2.89 -8.21
CA MET B 132 -29.47 -3.23 -9.55
C MET B 132 -30.47 -2.19 -10.09
N VAL B 133 -30.27 -1.87 -11.35
CA VAL B 133 -31.21 -1.07 -12.10
C VAL B 133 -32.36 -1.96 -12.55
N ILE B 134 -33.59 -1.50 -12.33
CA ILE B 134 -34.78 -2.25 -12.67
C ILE B 134 -35.60 -1.40 -13.63
N GLU B 135 -35.60 -1.75 -14.90
CA GLU B 135 -36.35 -1.03 -15.91
C GLU B 135 -37.57 -1.87 -16.23
N VAL B 136 -38.74 -1.43 -15.77
CA VAL B 136 -39.99 -2.07 -16.13
C VAL B 136 -40.29 -1.75 -17.58
N GLN B 137 -40.60 -2.72 -18.33
CA GLN B 137 -40.73 -2.33 -19.71
C GLN B 137 -42.18 -2.05 -20.06
N PRO B 138 -42.42 -1.17 -21.05
CA PRO B 138 -43.79 -0.91 -21.51
C PRO B 138 -44.61 -2.18 -21.69
N GLY B 139 -45.80 -2.21 -21.10
CA GLY B 139 -46.59 -3.43 -21.13
C GLY B 139 -46.27 -4.45 -20.06
N ALA B 140 -45.25 -4.22 -19.24
CA ALA B 140 -44.90 -5.20 -18.22
C ALA B 140 -46.04 -5.30 -17.21
N PRO B 141 -46.51 -6.49 -16.90
CA PRO B 141 -47.58 -6.64 -15.91
C PRO B 141 -47.10 -6.38 -14.49
N ALA B 142 -48.03 -5.98 -13.63
CA ALA B 142 -47.73 -5.77 -12.22
C ALA B 142 -47.23 -7.08 -11.61
N GLN B 143 -46.33 -6.97 -10.63
CA GLN B 143 -45.70 -8.15 -10.05
C GLN B 143 -46.19 -8.39 -8.63
N ARG B 144 -46.09 -9.65 -8.21
CA ARG B 144 -46.69 -10.13 -6.96
C ARG B 144 -46.36 -9.20 -5.79
N LEU B 145 -47.35 -8.97 -4.94
CA LEU B 145 -47.11 -8.26 -3.69
C LEU B 145 -46.27 -9.12 -2.76
N HIS B 146 -45.21 -8.54 -2.21
CA HIS B 146 -44.29 -9.28 -1.35
C HIS B 146 -43.63 -8.31 -0.37
N ARG B 147 -43.06 -8.87 0.69
CA ARG B 147 -42.14 -8.15 1.56
C ARG B 147 -40.74 -8.65 1.25
N ASP B 148 -39.80 -7.73 1.08
CA ASP B 148 -38.43 -8.12 0.76
C ASP B 148 -37.78 -9.00 1.82
N GLN B 149 -38.23 -8.93 3.08
CA GLN B 149 -37.64 -9.78 4.12
C GLN B 149 -38.10 -11.24 4.03
N GLU B 150 -38.99 -11.58 3.12
CA GLU B 150 -39.24 -12.99 2.84
C GLU B 150 -38.00 -13.70 2.33
N LEU B 151 -36.98 -12.93 1.93
CA LEU B 151 -35.73 -13.51 1.44
C LEU B 151 -35.01 -14.30 2.52
N TYR B 152 -35.14 -13.88 3.78
CA TYR B 152 -34.67 -14.55 4.97
C TYR B 152 -35.88 -15.19 5.63
N PRO B 153 -36.11 -16.49 5.43
CA PRO B 153 -37.46 -17.04 5.59
C PRO B 153 -38.01 -16.96 6.98
N TRP B 154 -37.18 -16.86 8.01
CA TRP B 154 -37.65 -16.84 9.40
C TRP B 154 -37.99 -15.45 9.89
N TRP B 155 -37.87 -14.40 9.06
CA TRP B 155 -37.94 -13.04 9.61
C TRP B 155 -39.38 -12.57 9.81
N ASN B 156 -40.29 -12.94 8.90
CA ASN B 156 -41.69 -12.58 9.10
C ASN B 156 -42.18 -13.05 10.48
N SER B 157 -41.83 -14.28 10.86
CA SER B 157 -42.29 -14.86 12.12
C SER B 157 -41.85 -14.06 13.32
N MET B 158 -40.77 -13.27 13.21
CA MET B 158 -40.25 -12.51 14.33
C MET B 158 -41.14 -11.33 14.70
N GLY B 159 -42.15 -11.02 13.89
CA GLY B 159 -43.15 -10.03 14.22
C GLY B 159 -42.82 -8.66 13.68
N PRO B 160 -43.78 -7.73 13.75
CA PRO B 160 -43.52 -6.36 13.27
C PRO B 160 -42.56 -5.57 14.14
N ASP B 161 -42.26 -6.02 15.35
CA ASP B 161 -41.32 -5.32 16.20
C ASP B 161 -39.93 -5.93 16.20
N ALA B 162 -39.72 -7.01 15.44
CA ALA B 162 -38.41 -7.58 15.23
C ALA B 162 -37.45 -6.49 14.78
N PRO B 163 -36.16 -6.64 15.04
CA PRO B 163 -35.15 -5.79 14.38
C PRO B 163 -35.26 -5.89 12.87
N GLU B 164 -34.66 -4.92 12.19
CA GLU B 164 -34.67 -4.93 10.73
C GLU B 164 -33.62 -5.89 10.20
N CYS B 165 -33.86 -6.38 8.99
CA CYS B 165 -32.85 -7.15 8.29
C CYS B 165 -32.40 -6.50 7.00
N LEU B 166 -33.20 -5.60 6.44
CA LEU B 166 -33.08 -5.21 5.03
C LEU B 166 -33.75 -3.87 4.85
N VAL B 167 -33.03 -2.89 4.30
CA VAL B 167 -33.60 -1.63 3.85
C VAL B 167 -33.33 -1.52 2.35
N ASN B 168 -34.36 -1.08 1.63
CA ASN B 168 -34.34 -0.88 0.19
C ASN B 168 -34.38 0.63 -0.06
N PHE B 169 -33.32 1.19 -0.59
CA PHE B 169 -33.36 2.55 -1.10
C PHE B 169 -33.75 2.44 -2.55
N PHE B 170 -35.01 2.75 -2.86
CA PHE B 170 -35.54 2.54 -4.19
C PHE B 170 -35.57 3.89 -4.90
N CYS B 171 -34.66 4.08 -5.83
CA CYS B 171 -34.42 5.36 -6.48
C CYS B 171 -34.96 5.34 -7.90
N ALA B 172 -35.45 6.50 -8.35
CA ALA B 172 -36.03 6.65 -9.67
C ALA B 172 -34.99 7.26 -10.61
N VAL B 173 -34.61 6.50 -11.63
CA VAL B 173 -33.66 7.03 -12.60
C VAL B 173 -34.40 7.82 -13.68
N THR B 174 -35.58 7.36 -14.05
CA THR B 174 -36.54 8.09 -14.85
C THR B 174 -37.79 8.28 -14.00
N PRO B 175 -38.70 9.20 -14.37
CA PRO B 175 -39.91 9.41 -13.58
C PRO B 175 -40.63 8.11 -13.19
N PHE B 176 -41.43 8.17 -12.13
CA PHE B 176 -42.40 7.14 -11.83
C PHE B 176 -43.78 7.76 -11.98
N THR B 177 -44.62 7.14 -12.79
CA THR B 177 -46.00 7.59 -12.90
C THR B 177 -46.90 6.44 -12.48
N VAL B 178 -48.19 6.74 -12.41
CA VAL B 178 -49.16 5.67 -12.19
C VAL B 178 -49.25 4.75 -13.39
N GLU B 179 -48.90 5.24 -14.58
CA GLU B 179 -49.09 4.45 -15.78
C GLU B 179 -47.90 3.59 -16.13
N ASN B 180 -46.69 3.97 -15.71
CA ASN B 180 -45.49 3.28 -16.13
C ASN B 180 -44.98 2.29 -15.10
N GLY B 181 -45.79 1.93 -14.12
CA GLY B 181 -45.44 0.84 -13.24
C GLY B 181 -44.62 1.22 -12.03
N ALA B 182 -44.86 2.41 -11.49
CA ALA B 182 -44.27 2.75 -10.20
C ALA B 182 -44.55 1.63 -9.19
N THR B 183 -43.68 1.52 -8.20
CA THR B 183 -43.81 0.45 -7.22
C THR B 183 -45.14 0.59 -6.48
N ARG B 184 -45.87 -0.53 -6.36
CA ARG B 184 -47.06 -0.59 -5.52
C ARG B 184 -46.62 -0.79 -4.07
N LEU B 185 -47.14 0.03 -3.17
CA LEU B 185 -46.70 0.03 -1.78
C LEU B 185 -47.91 0.05 -0.84
N VAL B 186 -47.85 -0.75 0.22
CA VAL B 186 -48.83 -0.72 1.30
C VAL B 186 -48.15 -0.09 2.52
N PRO B 187 -48.51 1.16 2.91
CA PRO B 187 -47.79 1.79 4.03
C PRO B 187 -48.05 1.17 5.41
N GLY B 188 -49.22 0.58 5.64
CA GLY B 188 -49.49 -0.01 6.93
C GLY B 188 -48.80 -1.34 7.15
N SER B 189 -48.46 -2.04 6.07
CA SER B 189 -47.72 -3.29 6.07
C SER B 189 -46.66 -3.36 7.15
N ASN B 190 -45.95 -2.24 7.33
CA ASN B 190 -44.87 -2.15 8.30
C ASN B 190 -45.28 -2.76 9.64
N ARG B 191 -46.44 -2.33 10.16
CA ARG B 191 -46.81 -2.61 11.53
C ARG B 191 -48.02 -3.54 11.63
N TRP B 192 -48.21 -4.43 10.67
CA TRP B 192 -49.37 -5.31 10.71
C TRP B 192 -49.29 -6.29 11.87
N PRO B 193 -50.44 -6.77 12.35
CA PRO B 193 -50.42 -7.75 13.45
C PRO B 193 -49.59 -8.99 13.16
N GLU B 194 -49.83 -9.63 12.01
CA GLU B 194 -49.11 -10.83 11.61
C GLU B 194 -48.51 -10.64 10.21
N LEU B 195 -47.23 -11.03 10.05
CA LEU B 195 -46.50 -10.88 8.79
C LEU B 195 -46.38 -12.25 8.15
N THR B 196 -47.06 -12.44 7.02
CA THR B 196 -47.13 -13.72 6.32
C THR B 196 -46.82 -13.52 4.84
N LEU B 197 -46.69 -14.64 4.16
CA LEU B 197 -46.52 -14.62 2.71
C LEU B 197 -47.85 -14.24 2.04
N ILE B 198 -47.76 -13.46 0.98
CA ILE B 198 -48.97 -12.93 0.32
C ILE B 198 -49.48 -13.85 -0.79
N ASP B 202 -51.27 -17.58 1.45
CA ASP B 202 -51.16 -17.81 2.89
C ASP B 202 -51.69 -16.62 3.68
N CYS B 203 -52.23 -15.61 2.95
CA CYS B 203 -52.78 -14.39 3.53
C CYS B 203 -54.30 -14.37 3.41
N PRO B 204 -55.02 -13.88 4.45
CA PRO B 204 -56.48 -13.78 4.36
C PRO B 204 -56.98 -12.79 3.32
N GLN B 205 -56.52 -11.53 3.43
CA GLN B 205 -56.97 -10.41 2.60
C GLN B 205 -56.28 -10.37 1.24
N TYR B 206 -56.03 -11.52 0.63
CA TYR B 206 -55.28 -11.57 -0.62
C TYR B 206 -56.17 -11.65 -1.86
N ASP B 210 -54.68 -3.91 -2.08
CA ASP B 210 -54.92 -2.48 -1.83
C ASP B 210 -53.62 -1.75 -1.49
N SER B 211 -53.04 -1.07 -2.49
CA SER B 211 -51.73 -0.44 -2.36
C SER B 211 -51.67 0.85 -3.19
N VAL B 212 -50.75 1.73 -2.81
CA VAL B 212 -50.52 3.03 -3.45
C VAL B 212 -49.29 2.96 -4.35
N PRO B 213 -49.16 3.80 -5.38
CA PRO B 213 -47.94 3.79 -6.20
C PRO B 213 -46.90 4.79 -5.76
N ALA B 214 -45.63 4.48 -6.08
CA ALA B 214 -44.49 5.25 -5.57
C ALA B 214 -44.13 6.33 -6.59
N ILE B 215 -44.86 7.44 -6.52
CA ILE B 215 -44.74 8.52 -7.48
C ILE B 215 -43.53 9.36 -7.12
N MET B 216 -42.61 9.55 -8.06
CA MET B 216 -41.42 10.30 -7.73
C MET B 216 -40.68 10.71 -9.00
N GLN B 217 -39.78 11.62 -8.82
CA GLN B 217 -39.00 12.28 -9.84
C GLN B 217 -37.59 11.74 -9.89
N PRO B 218 -36.91 11.89 -11.02
CA PRO B 218 -35.51 11.44 -11.10
C PRO B 218 -34.68 11.94 -9.93
N GLY B 219 -34.14 10.99 -9.15
CA GLY B 219 -33.30 11.30 -8.01
C GLY B 219 -33.92 11.02 -6.66
N ASP B 220 -35.24 10.90 -6.58
CA ASP B 220 -35.89 10.60 -5.30
C ASP B 220 -35.66 9.15 -4.90
N CYS B 221 -35.69 8.87 -3.59
CA CYS B 221 -35.67 7.51 -3.05
C CYS B 221 -36.94 7.31 -2.23
N TYR B 222 -37.49 6.11 -2.32
CA TYR B 222 -38.33 5.58 -1.26
C TYR B 222 -37.44 4.70 -0.38
N MET B 223 -37.43 4.96 0.92
CA MET B 223 -36.62 4.21 1.86
C MET B 223 -37.54 3.22 2.57
N MET B 224 -37.38 1.92 2.29
CA MET B 224 -38.40 0.92 2.60
C MET B 224 -37.83 -0.21 3.44
N SER B 225 -38.45 -0.47 4.59
CA SER B 225 -38.13 -1.62 5.41
C SER B 225 -38.51 -2.90 4.68
N GLY B 226 -37.81 -4.00 5.01
CA GLY B 226 -38.19 -5.30 4.51
C GLY B 226 -39.56 -5.73 4.96
N LYS B 227 -40.12 -5.06 5.96
CA LYS B 227 -41.43 -5.39 6.52
C LYS B 227 -42.61 -4.86 5.71
N VAL B 228 -42.37 -4.11 4.63
CA VAL B 228 -43.41 -3.37 3.92
C VAL B 228 -43.76 -4.11 2.63
N ILE B 229 -45.06 -4.39 2.46
CA ILE B 229 -45.55 -5.13 1.29
C ILE B 229 -45.51 -4.23 0.06
N HIS B 230 -45.02 -4.76 -1.05
CA HIS B 230 -44.82 -3.94 -2.23
C HIS B 230 -44.70 -4.84 -3.44
N GLY B 231 -44.88 -4.25 -4.62
CA GLY B 231 -44.59 -4.94 -5.86
C GLY B 231 -44.44 -3.97 -7.01
N ALA B 232 -43.69 -4.39 -8.02
CA ALA B 232 -43.59 -3.62 -9.24
C ALA B 232 -44.98 -3.43 -9.84
N GLY B 233 -45.20 -2.27 -10.44
CA GLY B 233 -46.50 -1.92 -10.93
C GLY B 233 -46.68 -2.25 -12.39
N HIS B 234 -47.92 -2.26 -12.83
CA HIS B 234 -48.20 -2.53 -14.23
C HIS B 234 -47.78 -1.33 -15.06
N ASN B 235 -46.82 -1.53 -15.97
CA ASN B 235 -46.51 -0.56 -17.00
C ASN B 235 -47.54 -0.73 -18.13
N ALA B 236 -48.62 0.05 -18.07
CA ALA B 236 -49.57 0.13 -19.17
C ALA B 236 -49.06 0.97 -20.33
N THR B 237 -47.96 1.71 -20.14
CA THR B 237 -47.41 2.58 -21.16
C THR B 237 -47.00 1.79 -22.41
N LEU B 238 -46.53 2.51 -23.42
CA LEU B 238 -46.04 1.90 -24.65
C LEU B 238 -44.61 2.28 -24.98
N SER B 239 -44.05 3.29 -24.31
CA SER B 239 -42.68 3.70 -24.59
C SER B 239 -41.97 4.26 -23.37
N ASP B 240 -42.55 4.12 -22.17
CA ASP B 240 -41.89 4.55 -20.94
C ASP B 240 -41.28 3.31 -20.30
N GLN B 241 -39.97 3.15 -20.47
CA GLN B 241 -39.19 2.20 -19.71
C GLN B 241 -38.88 2.83 -18.35
N ARG B 242 -39.72 2.55 -17.38
CA ARG B 242 -39.61 3.12 -16.05
C ARG B 242 -38.35 2.57 -15.41
N ARG B 243 -37.29 3.37 -15.40
CA ARG B 243 -36.01 2.92 -14.90
C ARG B 243 -35.85 3.31 -13.43
N ALA B 244 -35.33 2.36 -12.64
CA ALA B 244 -35.22 2.48 -11.20
C ALA B 244 -33.85 2.00 -10.76
N LEU B 245 -33.42 2.48 -9.61
CA LEU B 245 -32.14 2.10 -9.02
C LEU B 245 -32.42 1.64 -7.60
N ALA B 246 -32.24 0.34 -7.36
CA ALA B 246 -32.48 -0.23 -6.04
C ALA B 246 -31.16 -0.42 -5.32
N PHE B 247 -31.06 0.14 -4.10
CA PHE B 247 -29.95 -0.12 -3.19
C PHE B 247 -30.47 -1.10 -2.15
N SER B 248 -30.18 -2.39 -2.36
CA SER B 248 -30.63 -3.42 -1.43
C SER B 248 -29.55 -3.62 -0.38
N THR B 249 -29.76 -3.05 0.81
CA THR B 249 -28.80 -3.14 1.91
C THR B 249 -29.40 -4.00 3.01
N ILE B 250 -28.53 -4.75 3.71
CA ILE B 250 -28.97 -5.75 4.68
C ILE B 250 -28.12 -5.63 5.93
N ARG B 251 -28.54 -6.38 6.96
CA ARG B 251 -27.81 -6.55 8.20
C ARG B 251 -26.50 -7.28 7.95
N ARG B 252 -25.49 -7.00 8.79
CA ARG B 252 -24.14 -7.52 8.60
C ARG B 252 -24.06 -9.05 8.68
N GLU B 253 -24.97 -9.69 9.41
CA GLU B 253 -24.85 -11.14 9.61
C GLU B 253 -25.58 -11.95 8.54
N LEU B 254 -26.29 -11.31 7.62
CA LEU B 254 -27.04 -12.01 6.59
C LEU B 254 -26.26 -12.06 5.27
N ARG B 255 -26.56 -13.06 4.49
CA ARG B 255 -25.83 -13.34 3.25
C ARG B 255 -26.44 -12.58 2.05
N PRO B 256 -25.60 -11.98 1.20
CA PRO B 256 -26.12 -11.30 0.01
C PRO B 256 -26.46 -12.28 -1.11
N VAL B 257 -27.48 -11.92 -1.88
CA VAL B 257 -27.77 -12.67 -3.10
C VAL B 257 -26.70 -12.49 -4.15
N GLN B 258 -25.81 -11.50 -3.97
CA GLN B 258 -24.71 -11.19 -4.89
C GLN B 258 -23.37 -11.47 -4.24
N ALA B 259 -22.54 -12.25 -4.92
CA ALA B 259 -21.14 -12.46 -4.57
C ALA B 259 -20.29 -11.32 -5.15
N PHE B 260 -20.57 -10.11 -4.65
CA PHE B 260 -19.94 -8.89 -5.14
C PHE B 260 -18.41 -8.91 -5.14
N PRO B 261 -17.72 -9.28 -4.05
CA PRO B 261 -16.26 -9.31 -4.09
C PRO B 261 -15.67 -10.50 -4.84
N LEU B 262 -16.46 -11.25 -5.58
CA LEU B 262 -15.92 -12.30 -6.44
C LEU B 262 -16.14 -12.03 -7.91
N TRP B 263 -17.08 -11.15 -8.28
CA TRP B 263 -17.21 -10.70 -9.67
C TRP B 263 -16.95 -9.21 -9.89
N ILE B 264 -16.78 -8.41 -8.84
CA ILE B 264 -16.22 -7.07 -8.98
C ILE B 264 -14.70 -7.19 -9.02
N PRO B 265 -14.05 -6.74 -10.08
CA PRO B 265 -12.59 -6.86 -10.15
C PRO B 265 -11.91 -6.09 -9.03
N MET B 266 -10.77 -6.62 -8.58
CA MET B 266 -9.96 -5.91 -7.61
C MET B 266 -9.57 -4.52 -8.09
N GLN B 267 -9.58 -4.28 -9.41
CA GLN B 267 -9.17 -2.99 -9.94
C GLN B 267 -10.26 -1.96 -9.74
N ILE B 268 -11.49 -2.32 -10.06
CA ILE B 268 -12.61 -1.45 -9.71
C ILE B 268 -12.61 -1.21 -8.20
N ALA B 269 -12.41 -2.27 -7.42
CA ALA B 269 -12.52 -2.14 -5.96
C ALA B 269 -11.60 -1.04 -5.45
N THR B 270 -10.32 -1.04 -5.88
CA THR B 270 -9.40 0.00 -5.37
C THR B 270 -9.76 1.47 -5.86
N GLU B 271 -10.91 1.70 -6.51
CA GLU B 271 -11.38 3.04 -6.85
C GLU B 271 -12.51 3.53 -5.95
N LEU B 272 -12.90 2.73 -4.96
CA LEU B 272 -14.04 3.03 -4.10
C LEU B 272 -13.53 3.47 -2.74
N SER B 273 -14.37 4.23 -2.02
CA SER B 273 -13.98 4.64 -0.68
C SER B 273 -13.90 3.43 0.24
N PRO B 274 -13.14 3.54 1.34
CA PRO B 274 -13.05 2.39 2.26
C PRO B 274 -14.39 1.89 2.80
N ARG B 275 -15.38 2.77 3.02
CA ARG B 275 -16.69 2.31 3.46
C ARG B 275 -17.46 1.63 2.34
N THR B 276 -17.22 2.05 1.10
CA THR B 276 -17.87 1.42 -0.04
C THR B 276 -17.20 0.09 -0.38
N GLN B 277 -15.89 -0.03 -0.15
CA GLN B 277 -15.26 -1.34 -0.24
C GLN B 277 -15.93 -2.33 0.70
N ALA B 278 -16.23 -1.90 1.93
CA ALA B 278 -16.85 -2.77 2.92
C ALA B 278 -18.32 -3.07 2.60
N MET B 279 -19.01 -2.15 1.93
CA MET B 279 -20.36 -2.44 1.47
C MET B 279 -20.39 -3.57 0.45
N PHE B 280 -19.27 -3.80 -0.26
CA PHE B 280 -19.20 -4.83 -1.30
C PHE B 280 -18.40 -6.07 -0.89
N GLY B 281 -17.93 -6.16 0.35
CA GLY B 281 -17.28 -7.37 0.82
C GLY B 281 -15.76 -7.42 0.69
N PHE B 282 -15.12 -6.30 0.39
CA PHE B 282 -13.67 -6.23 0.28
C PHE B 282 -13.01 -5.81 1.60
N ARG B 283 -13.80 -5.57 2.64
CA ARG B 283 -13.33 -5.29 3.99
C ARG B 283 -14.29 -5.90 4.99
N SER B 284 -13.79 -6.18 6.19
CA SER B 284 -14.58 -6.86 7.21
C SER B 284 -15.30 -5.86 8.09
N SER B 285 -15.96 -6.38 9.13
CA SER B 285 -16.46 -5.59 10.24
C SER B 285 -16.35 -6.42 11.52
N THR B 286 -15.68 -5.89 12.53
CA THR B 286 -15.59 -6.60 13.81
C THR B 286 -16.94 -6.61 14.50
N GLN B 287 -17.29 -7.76 15.08
CA GLN B 287 -18.54 -7.86 15.82
C GLN B 287 -18.27 -8.08 17.29
N HIS B 295 -13.26 -8.80 12.46
CA HIS B 295 -13.83 -10.07 12.86
C HIS B 295 -14.69 -10.66 11.76
N PHE B 296 -15.95 -10.22 11.68
CA PHE B 296 -16.98 -10.86 10.86
C PHE B 296 -16.65 -10.71 9.38
N TRP B 297 -16.69 -11.83 8.63
CA TRP B 297 -16.21 -11.90 7.23
C TRP B 297 -14.74 -11.48 7.15
N GLY B 298 -13.89 -12.22 7.89
CA GLY B 298 -12.50 -11.88 8.08
C GLY B 298 -11.57 -12.97 7.59
N ASN B 299 -10.29 -12.73 7.76
CA ASN B 299 -9.25 -13.66 7.32
C ASN B 299 -8.61 -14.27 8.55
N ASP B 300 -9.27 -15.29 9.10
CA ASP B 300 -8.95 -15.91 10.37
C ASP B 300 -8.55 -14.83 11.38
N GLY B 301 -9.50 -13.97 11.68
CA GLY B 301 -9.33 -12.96 12.71
C GLY B 301 -9.01 -11.58 12.17
N LYS B 302 -8.11 -11.55 11.19
CA LYS B 302 -7.76 -10.31 10.52
C LYS B 302 -8.92 -9.81 9.66
N ASP B 303 -8.90 -8.52 9.37
CA ASP B 303 -9.74 -7.98 8.31
C ASP B 303 -9.33 -8.58 6.97
N ILE B 304 -10.32 -8.85 6.11
CA ILE B 304 -9.98 -9.35 4.78
C ILE B 304 -9.45 -8.25 3.88
N GLY B 305 -9.53 -6.98 4.29
CA GLY B 305 -8.92 -5.93 3.51
C GLY B 305 -7.42 -5.85 3.65
N GLU B 306 -6.87 -6.31 4.78
CA GLU B 306 -5.42 -6.46 4.89
C GLU B 306 -4.91 -7.41 3.83
N HIS B 307 -5.58 -8.55 3.73
CA HIS B 307 -5.22 -9.55 2.72
C HIS B 307 -5.26 -8.96 1.32
N LEU B 308 -6.30 -8.18 1.00
CA LEU B 308 -6.49 -7.64 -0.35
C LEU B 308 -5.69 -6.38 -0.58
N GLY B 309 -4.84 -6.01 0.36
CA GLY B 309 -4.01 -4.84 0.22
C GLY B 309 -4.73 -3.51 0.41
N LEU B 310 -5.95 -3.53 0.95
CA LEU B 310 -6.74 -2.31 1.10
C LEU B 310 -6.53 -1.62 2.43
N ILE B 311 -6.08 -2.33 3.44
CA ILE B 311 -5.68 -1.75 4.71
C ILE B 311 -4.28 -2.24 5.02
N SER B 312 -3.42 -1.34 5.46
CA SER B 312 -2.03 -1.65 5.76
C SER B 312 -1.70 -1.19 7.18
N SER B 313 -0.91 -2.00 7.88
CA SER B 313 -0.47 -1.64 9.22
C SER B 313 0.69 -0.65 9.11
N ALA B 314 0.60 0.44 9.85
CA ALA B 314 1.64 1.47 9.81
C ALA B 314 2.56 1.36 11.00
N SER C 23 -31.76 -34.63 28.59
CA SER C 23 -30.36 -34.93 28.88
C SER C 23 -29.86 -36.08 28.03
N GLN C 26 -26.62 -38.74 23.88
CA GLN C 26 -26.61 -39.94 23.05
C GLN C 26 -25.38 -40.06 22.15
N LYS C 27 -24.82 -41.28 22.06
CA LYS C 27 -23.64 -41.59 21.26
C LYS C 27 -24.02 -42.48 20.09
N PHE C 28 -23.43 -42.21 18.93
CA PHE C 28 -23.69 -43.00 17.73
C PHE C 28 -22.39 -43.24 16.97
N PRO C 29 -22.09 -44.47 16.56
CA PRO C 29 -20.94 -44.65 15.69
C PRO C 29 -21.24 -44.02 14.33
N ALA C 30 -20.19 -43.48 13.71
CA ALA C 30 -20.32 -42.89 12.39
C ALA C 30 -20.82 -43.88 11.34
N THR C 31 -20.91 -45.18 11.68
CA THR C 31 -21.44 -46.21 10.80
C THR C 31 -22.95 -46.38 10.91
N ALA C 32 -23.54 -46.02 12.05
CA ALA C 32 -24.98 -46.05 12.21
C ALA C 32 -25.68 -45.19 11.13
N PRO C 33 -26.95 -45.43 10.85
CA PRO C 33 -27.63 -44.68 9.80
C PRO C 33 -27.81 -43.20 10.12
N ALA C 34 -28.02 -42.41 9.06
CA ALA C 34 -28.03 -40.94 9.18
C ALA C 34 -29.27 -40.44 9.91
N ASP C 35 -30.37 -41.19 9.88
CA ASP C 35 -31.60 -40.71 10.50
C ASP C 35 -31.62 -40.92 12.01
N GLU C 36 -30.94 -41.96 12.50
CA GLU C 36 -30.88 -42.19 13.95
C GLU C 36 -30.03 -41.15 14.63
N ILE C 37 -28.82 -40.93 14.10
CA ILE C 37 -27.99 -39.83 14.54
C ILE C 37 -28.77 -38.52 14.48
N TYR C 38 -29.41 -38.26 13.33
CA TYR C 38 -30.12 -37.01 13.16
C TYR C 38 -31.31 -36.93 14.10
N ALA C 39 -32.11 -37.99 14.18
CA ALA C 39 -33.24 -37.98 15.11
C ALA C 39 -32.77 -37.70 16.53
N ALA C 40 -31.67 -38.35 16.94
CA ALA C 40 -31.05 -38.02 18.22
C ALA C 40 -30.69 -36.54 18.28
N PHE C 41 -30.06 -36.04 17.22
CA PHE C 41 -29.77 -34.61 17.16
C PHE C 41 -31.05 -33.79 17.22
N LYS C 42 -31.99 -34.06 16.32
CA LYS C 42 -33.19 -33.23 16.24
C LYS C 42 -34.06 -33.32 17.48
N GLU C 43 -33.87 -34.34 18.32
CA GLU C 43 -34.61 -34.42 19.57
C GLU C 43 -33.86 -33.76 20.72
N ASP C 44 -32.59 -34.12 20.94
CA ASP C 44 -31.83 -33.65 22.10
C ASP C 44 -30.89 -32.48 21.79
N GLY C 45 -30.63 -32.17 20.52
CA GLY C 45 -29.84 -31.00 20.17
C GLY C 45 -28.34 -31.21 20.14
N CYS C 46 -27.85 -32.37 20.56
CA CYS C 46 -26.46 -32.77 20.39
C CYS C 46 -26.44 -34.29 20.29
N VAL C 47 -25.45 -34.81 19.58
CA VAL C 47 -25.24 -36.25 19.49
C VAL C 47 -23.75 -36.49 19.29
N ILE C 48 -23.20 -37.44 20.04
CA ILE C 48 -21.82 -37.85 19.85
C ILE C 48 -21.78 -38.88 18.73
N ILE C 49 -20.89 -38.66 17.76
CA ILE C 49 -20.70 -39.56 16.63
C ILE C 49 -19.31 -40.15 16.76
N GLU C 50 -19.24 -41.44 17.10
CA GLU C 50 -17.96 -42.08 17.36
C GLU C 50 -17.33 -42.52 16.04
N GLY C 51 -16.16 -41.98 15.74
CA GLY C 51 -15.50 -42.27 14.49
C GLY C 51 -15.89 -41.35 13.36
N PHE C 52 -16.38 -40.15 13.68
CA PHE C 52 -16.87 -39.22 12.68
C PHE C 52 -15.81 -38.90 11.62
N VAL C 53 -14.58 -38.64 12.06
CA VAL C 53 -13.41 -38.56 11.18
C VAL C 53 -12.55 -39.80 11.44
N PRO C 54 -12.13 -40.53 10.40
CA PRO C 54 -11.13 -41.58 10.59
C PRO C 54 -9.94 -41.08 11.40
N PRO C 55 -9.55 -41.83 12.43
CA PRO C 55 -8.46 -41.37 13.30
C PRO C 55 -7.11 -41.22 12.62
N ASP C 56 -6.84 -41.97 11.55
CA ASP C 56 -5.58 -41.81 10.83
C ASP C 56 -5.60 -40.60 9.94
N GLN C 57 -6.77 -40.24 9.40
CA GLN C 57 -6.94 -38.92 8.78
C GLN C 57 -6.73 -37.81 9.79
N MET C 58 -7.39 -37.92 10.94
CA MET C 58 -7.23 -36.91 11.99
C MET C 58 -5.77 -36.77 12.40
N ALA C 59 -5.09 -37.89 12.63
CA ALA C 59 -3.71 -37.83 13.09
C ALA C 59 -2.79 -37.23 12.03
N ARG C 60 -3.03 -37.58 10.75
CA ARG C 60 -2.22 -36.99 9.69
C ARG C 60 -2.52 -35.51 9.51
N PHE C 61 -3.80 -35.13 9.57
CA PHE C 61 -4.14 -33.71 9.48
C PHE C 61 -3.44 -32.92 10.59
N SER C 62 -3.48 -33.41 11.82
CA SER C 62 -2.82 -32.73 12.92
C SER C 62 -1.32 -32.68 12.76
N GLN C 63 -0.73 -33.65 12.05
CA GLN C 63 0.70 -33.57 11.79
C GLN C 63 1.00 -32.46 10.79
N GLU C 64 0.12 -32.27 9.80
CA GLU C 64 0.36 -31.29 8.73
C GLU C 64 0.18 -29.87 9.21
N ILE C 65 -0.81 -29.62 10.05
CA ILE C 65 -0.98 -28.27 10.60
C ILE C 65 -0.01 -27.99 11.72
N GLN C 66 0.84 -28.96 12.09
CA GLN C 66 1.72 -28.79 13.25
C GLN C 66 2.70 -27.63 13.11
N PRO C 67 3.54 -27.54 12.06
CA PRO C 67 4.47 -26.39 11.97
C PRO C 67 3.77 -25.06 12.11
N ALA C 68 2.60 -24.92 11.47
CA ALA C 68 1.81 -23.70 11.60
C ALA C 68 1.35 -23.49 13.04
N MET C 69 0.96 -24.56 13.73
CA MET C 69 0.49 -24.39 15.09
C MET C 69 1.61 -24.00 16.02
N GLU C 70 2.83 -24.47 15.75
CA GLU C 70 3.96 -24.10 16.58
C GLU C 70 4.27 -22.62 16.47
N LYS C 71 3.84 -21.97 15.38
CA LYS C 71 4.13 -20.56 15.16
C LYS C 71 3.18 -19.64 15.91
N ILE C 72 1.96 -20.08 16.21
CA ILE C 72 1.03 -19.27 16.99
C ILE C 72 1.50 -19.19 18.44
N GLN C 73 1.41 -18.01 19.03
CA GLN C 73 1.75 -17.78 20.43
C GLN C 73 0.48 -17.58 21.24
N VAL C 74 0.41 -18.21 22.42
CA VAL C 74 -0.78 -18.17 23.26
C VAL C 74 -0.86 -16.86 24.03
N GLN C 75 -2.06 -16.35 24.22
CA GLN C 75 -2.28 -15.12 24.99
C GLN C 75 -2.55 -15.47 26.45
N VAL C 76 -2.03 -14.63 27.35
CA VAL C 76 -2.40 -14.68 28.77
C VAL C 76 -3.18 -13.42 29.10
N THR C 77 -4.43 -13.34 28.64
CA THR C 77 -5.26 -12.15 28.84
C THR C 77 -5.83 -12.10 30.25
N ASN C 78 -6.21 -13.24 30.81
CA ASN C 78 -6.74 -13.35 32.17
C ASN C 78 -7.88 -12.36 32.45
N ASN C 83 -9.30 -15.67 24.01
CA ASN C 83 -8.11 -16.11 23.31
C ASN C 83 -6.97 -16.31 24.30
N ASP C 84 -7.35 -16.51 25.57
CA ASP C 84 -6.40 -16.59 26.67
C ASP C 84 -5.97 -18.05 26.87
N ARG C 85 -4.73 -18.35 26.47
CA ARG C 85 -4.17 -19.71 26.46
C ARG C 85 -5.00 -20.65 25.58
N VAL C 86 -5.50 -20.10 24.48
CA VAL C 86 -6.17 -20.86 23.43
C VAL C 86 -5.53 -20.47 22.11
N LYS C 87 -5.20 -21.47 21.30
CA LYS C 87 -4.81 -21.27 19.90
C LYS C 87 -5.99 -21.56 19.00
N ARG C 88 -6.25 -20.67 18.06
CA ARG C 88 -7.28 -20.87 17.06
C ARG C 88 -6.65 -20.69 15.69
N PHE C 89 -7.01 -21.58 14.76
CA PHE C 89 -6.31 -21.65 13.49
C PHE C 89 -7.31 -22.13 12.44
N SER C 90 -7.70 -21.24 11.53
CA SER C 90 -8.73 -21.54 10.54
C SER C 90 -8.18 -21.86 9.16
N LYS C 91 -6.91 -21.60 8.88
CA LYS C 91 -6.38 -21.77 7.54
C LYS C 91 -5.97 -23.23 7.31
N LEU C 92 -6.96 -24.10 7.44
CA LEU C 92 -6.72 -25.53 7.40
C LEU C 92 -6.74 -26.09 6.00
N VAL C 93 -7.55 -25.48 5.12
CA VAL C 93 -7.82 -25.99 3.78
C VAL C 93 -6.66 -25.66 2.86
N THR C 94 -5.92 -24.62 3.17
CA THR C 94 -4.79 -24.22 2.36
C THR C 94 -3.48 -24.79 2.89
N THR C 95 -3.48 -25.34 4.10
CA THR C 95 -2.32 -25.89 4.80
C THR C 95 -2.27 -27.42 4.80
N SER C 96 -3.40 -28.08 5.06
CA SER C 96 -3.40 -29.52 5.19
C SER C 96 -3.91 -30.15 3.92
N PRO C 97 -3.11 -30.96 3.22
CA PRO C 97 -3.66 -31.77 2.14
C PRO C 97 -4.69 -32.77 2.62
N THR C 98 -4.48 -33.40 3.79
CA THR C 98 -5.40 -34.41 4.29
C THR C 98 -6.75 -33.80 4.65
N PHE C 99 -6.74 -32.56 5.14
CA PHE C 99 -7.98 -31.84 5.39
C PHE C 99 -8.69 -31.54 4.07
N ARG C 100 -7.95 -30.98 3.11
CA ARG C 100 -8.53 -30.53 1.85
C ARG C 100 -9.27 -31.65 1.13
N HIS C 101 -8.67 -32.84 1.07
CA HIS C 101 -9.16 -33.92 0.21
C HIS C 101 -9.85 -35.05 0.96
N GLU C 102 -9.50 -35.30 2.21
CA GLU C 102 -10.05 -36.45 2.92
C GLU C 102 -10.98 -36.06 4.05
N ILE C 103 -10.53 -35.22 4.98
CA ILE C 103 -11.39 -34.88 6.12
C ILE C 103 -12.63 -34.14 5.63
N LEU C 104 -12.49 -33.30 4.60
CA LEU C 104 -13.62 -32.50 4.13
C LEU C 104 -14.68 -33.33 3.37
N GLU C 105 -14.27 -34.38 2.65
CA GLU C 105 -15.22 -35.19 1.90
C GLU C 105 -15.82 -36.27 2.81
N ASN C 106 -16.71 -35.80 3.68
CA ASN C 106 -17.34 -36.60 4.73
C ASN C 106 -18.79 -36.76 4.33
N ASP C 107 -19.17 -37.98 3.92
CA ASP C 107 -20.54 -38.21 3.48
C ASP C 107 -21.52 -38.11 4.63
N LEU C 108 -21.15 -38.63 5.81
CA LEU C 108 -22.06 -38.59 6.95
C LEU C 108 -22.40 -37.16 7.36
N MET C 109 -21.41 -36.26 7.31
CA MET C 109 -21.65 -34.87 7.68
C MET C 109 -22.63 -34.20 6.72
N HIS C 110 -22.47 -34.46 5.41
CA HIS C 110 -23.38 -33.84 4.47
C HIS C 110 -24.78 -34.39 4.58
N GLU C 111 -24.93 -35.71 4.78
CA GLU C 111 -26.25 -36.30 5.01
C GLU C 111 -26.98 -35.57 6.14
N LEU C 112 -26.27 -35.34 7.24
CA LEU C 112 -26.85 -34.68 8.40
C LEU C 112 -27.04 -33.20 8.16
N LEU C 113 -26.14 -32.56 7.40
CA LEU C 113 -26.40 -31.19 7.01
C LEU C 113 -27.63 -31.10 6.11
N GLN C 114 -27.72 -31.99 5.12
CA GLN C 114 -28.90 -32.02 4.28
C GLN C 114 -30.16 -32.10 5.14
N ARG C 115 -30.11 -32.91 6.21
CA ARG C 115 -31.29 -33.19 7.03
C ARG C 115 -31.69 -32.02 7.93
N VAL C 116 -30.78 -31.09 8.18
CA VAL C 116 -31.07 -29.99 9.10
C VAL C 116 -31.42 -28.73 8.31
N PHE C 117 -30.81 -28.55 7.14
CA PHE C 117 -30.83 -27.27 6.44
C PHE C 117 -31.47 -27.32 5.06
N SER C 118 -31.24 -28.38 4.30
CA SER C 118 -31.64 -28.38 2.90
C SER C 118 -33.13 -28.66 2.75
N LYS C 119 -33.85 -27.68 2.22
CA LYS C 119 -35.24 -27.85 1.84
C LYS C 119 -35.35 -28.57 0.49
N PRO C 120 -36.50 -29.22 0.20
CA PRO C 120 -36.81 -30.11 -0.92
C PRO C 120 -36.59 -29.55 -2.32
N MET C 124 -28.75 -27.34 -1.98
CA MET C 124 -28.29 -27.48 -0.59
C MET C 124 -28.40 -26.15 0.16
N GLY C 125 -29.06 -26.21 1.32
CA GLY C 125 -29.46 -25.01 2.04
C GLY C 125 -28.52 -24.66 3.17
N TYR C 126 -27.21 -24.85 2.97
CA TYR C 126 -26.22 -24.65 4.01
C TYR C 126 -24.85 -24.44 3.40
N HIS C 127 -23.89 -24.08 4.26
CA HIS C 127 -22.47 -23.92 3.90
C HIS C 127 -21.67 -23.82 5.20
N PHE C 128 -20.38 -23.50 5.06
CA PHE C 128 -19.50 -23.35 6.21
C PHE C 128 -19.54 -21.93 6.74
N ASN C 129 -19.54 -21.82 8.06
CA ASN C 129 -19.32 -20.54 8.72
C ASN C 129 -17.85 -20.36 9.07
N ASP C 130 -17.18 -21.43 9.47
CA ASP C 130 -15.79 -21.40 9.90
C ASP C 130 -15.28 -22.84 9.98
N THR C 131 -13.95 -22.98 9.94
CA THR C 131 -13.29 -24.28 10.12
C THR C 131 -12.06 -23.98 10.96
N MET C 132 -12.09 -24.35 12.22
CA MET C 132 -11.19 -23.79 13.22
C MET C 132 -10.63 -24.89 14.09
N VAL C 133 -9.31 -25.01 14.12
CA VAL C 133 -8.64 -25.82 15.13
C VAL C 133 -8.44 -24.99 16.37
N ILE C 134 -8.94 -25.49 17.49
CA ILE C 134 -8.93 -24.80 18.77
C ILE C 134 -8.15 -25.68 19.73
N GLU C 135 -7.11 -25.11 20.31
CA GLU C 135 -6.19 -25.89 21.15
C GLU C 135 -6.07 -25.21 22.51
N VAL C 136 -6.80 -25.75 23.48
CA VAL C 136 -6.71 -25.32 24.86
C VAL C 136 -5.35 -25.72 25.41
N GLN C 137 -4.57 -24.71 25.85
CA GLN C 137 -3.23 -24.75 26.42
C GLN C 137 -3.32 -25.08 27.90
N PRO C 138 -2.34 -25.81 28.41
CA PRO C 138 -2.32 -26.09 29.84
C PRO C 138 -2.61 -24.83 30.65
N GLY C 139 -3.44 -24.97 31.67
CA GLY C 139 -3.71 -23.84 32.51
C GLY C 139 -4.71 -22.88 31.94
N ALA C 140 -5.30 -23.19 30.79
CA ALA C 140 -6.33 -22.33 30.21
C ALA C 140 -7.57 -22.33 31.10
N PRO C 141 -8.01 -21.18 31.59
CA PRO C 141 -9.23 -21.17 32.40
C PRO C 141 -10.41 -21.68 31.58
N ALA C 142 -11.48 -22.01 32.29
CA ALA C 142 -12.72 -22.36 31.64
C ALA C 142 -13.26 -21.16 30.87
N GLN C 143 -13.88 -21.43 29.73
CA GLN C 143 -14.50 -20.39 28.92
C GLN C 143 -15.95 -20.21 29.37
N ARG C 144 -16.47 -18.99 29.21
CA ARG C 144 -17.85 -18.73 29.61
C ARG C 144 -18.81 -19.64 28.84
N LEU C 145 -19.88 -20.02 29.52
CA LEU C 145 -20.95 -20.75 28.86
C LEU C 145 -21.68 -19.84 27.88
N HIS C 146 -21.96 -20.36 26.70
CA HIS C 146 -22.63 -19.58 25.66
C HIS C 146 -23.37 -20.53 24.75
N ARG C 147 -24.27 -19.98 23.95
CA ARG C 147 -24.79 -20.65 22.76
C ARG C 147 -24.06 -20.11 21.55
N ASP C 148 -23.80 -20.98 20.57
CA ASP C 148 -23.12 -20.55 19.36
C ASP C 148 -24.00 -19.66 18.49
N GLN C 149 -25.32 -19.83 18.56
CA GLN C 149 -26.20 -18.97 17.78
C GLN C 149 -26.21 -17.55 18.31
N GLU C 150 -25.44 -17.24 19.35
CA GLU C 150 -25.23 -15.86 19.75
C GLU C 150 -24.53 -15.06 18.66
N LEU C 151 -23.81 -15.75 17.77
CA LEU C 151 -23.26 -15.11 16.57
C LEU C 151 -24.34 -14.34 15.83
N TYR C 152 -25.53 -14.91 15.72
CA TYR C 152 -26.64 -14.24 15.07
C TYR C 152 -27.56 -13.70 16.15
N PRO C 153 -27.47 -12.41 16.50
CA PRO C 153 -28.02 -11.94 17.78
C PRO C 153 -29.52 -12.09 17.96
N TRP C 154 -30.28 -12.19 16.87
CA TRP C 154 -31.72 -12.26 16.94
C TRP C 154 -32.25 -13.66 17.17
N TRP C 155 -31.38 -14.69 17.10
CA TRP C 155 -31.87 -16.07 17.04
C TRP C 155 -32.32 -16.59 18.40
N ASN C 156 -31.73 -16.11 19.49
CA ASN C 156 -32.23 -16.49 20.81
C ASN C 156 -33.65 -15.99 21.02
N SER C 157 -34.01 -14.86 20.40
CA SER C 157 -35.36 -14.30 20.55
C SER C 157 -36.42 -15.16 19.88
N MET C 158 -36.04 -16.10 19.02
CA MET C 158 -37.03 -16.88 18.32
C MET C 158 -37.51 -18.07 19.12
N GLY C 159 -36.89 -18.37 20.25
CA GLY C 159 -37.37 -19.43 21.12
C GLY C 159 -36.75 -20.78 20.82
N PRO C 160 -37.04 -21.76 21.67
CA PRO C 160 -36.45 -23.10 21.49
C PRO C 160 -37.05 -23.85 20.33
N ASP C 161 -38.13 -23.32 19.74
CA ASP C 161 -38.74 -23.94 18.58
C ASP C 161 -38.40 -23.22 17.28
N ALA C 162 -37.44 -22.32 17.30
CA ALA C 162 -36.96 -21.68 16.09
C ALA C 162 -36.32 -22.70 15.14
N PRO C 163 -36.26 -22.40 13.83
CA PRO C 163 -35.45 -23.23 12.94
C PRO C 163 -33.97 -23.13 13.30
N GLU C 164 -33.20 -24.13 12.89
CA GLU C 164 -31.78 -24.12 13.19
C GLU C 164 -31.05 -23.09 12.35
N CYS C 165 -30.17 -22.33 12.98
CA CYS C 165 -29.27 -21.45 12.25
C CYS C 165 -27.90 -22.06 12.04
N LEU C 166 -27.40 -22.77 13.03
CA LEU C 166 -26.02 -23.20 13.07
C LEU C 166 -26.01 -24.63 13.55
N VAL C 167 -25.16 -25.45 12.94
CA VAL C 167 -24.78 -26.75 13.47
C VAL C 167 -23.26 -26.82 13.47
N ASN C 168 -22.69 -27.25 14.58
CA ASN C 168 -21.25 -27.31 14.76
C ASN C 168 -20.83 -28.77 15.00
N PHE C 169 -19.96 -29.30 14.13
CA PHE C 169 -19.40 -30.64 14.30
C PHE C 169 -18.07 -30.47 15.03
N PHE C 170 -18.08 -30.73 16.33
CA PHE C 170 -16.95 -30.47 17.22
C PHE C 170 -16.15 -31.74 17.42
N CYS C 171 -15.00 -31.85 16.75
CA CYS C 171 -14.27 -33.12 16.64
C CYS C 171 -13.04 -33.12 17.54
N ALA C 172 -12.75 -34.27 18.11
CA ALA C 172 -11.51 -34.40 18.88
C ALA C 172 -10.36 -34.63 17.93
N VAL C 173 -9.33 -33.79 18.02
CA VAL C 173 -8.09 -34.08 17.33
C VAL C 173 -7.20 -34.91 18.26
N THR C 174 -6.78 -34.30 19.38
CA THR C 174 -6.21 -35.04 20.49
C THR C 174 -7.33 -35.43 21.46
N PRO C 175 -7.13 -36.46 22.29
CA PRO C 175 -8.23 -36.91 23.16
C PRO C 175 -8.82 -35.80 24.01
N PHE C 176 -10.09 -35.99 24.39
CA PHE C 176 -10.77 -35.08 25.31
C PHE C 176 -10.92 -35.76 26.65
N THR C 177 -10.34 -35.17 27.68
CA THR C 177 -10.34 -35.71 29.02
C THR C 177 -10.88 -34.65 29.97
N VAL C 178 -11.21 -35.08 31.19
CA VAL C 178 -11.69 -34.14 32.18
C VAL C 178 -10.59 -33.16 32.58
N GLU C 179 -9.32 -33.62 32.58
CA GLU C 179 -8.22 -32.81 33.08
C GLU C 179 -7.68 -31.80 32.07
N ASN C 180 -7.86 -32.04 30.76
CA ASN C 180 -7.37 -31.12 29.76
C ASN C 180 -8.44 -30.15 29.24
N GLY C 181 -9.66 -30.23 29.76
CA GLY C 181 -10.63 -29.22 29.46
C GLY C 181 -11.56 -29.58 28.32
N ALA C 182 -12.11 -30.78 28.37
CA ALA C 182 -13.18 -31.13 27.45
C ALA C 182 -14.27 -30.08 27.54
N THR C 183 -15.00 -29.93 26.45
CA THR C 183 -16.12 -29.02 26.45
C THR C 183 -17.18 -29.50 27.42
N ARG C 184 -17.78 -28.57 28.13
CA ARG C 184 -18.88 -28.84 29.03
C ARG C 184 -20.16 -28.37 28.35
N LEU C 185 -21.17 -29.24 28.32
CA LEU C 185 -22.38 -28.98 27.57
C LEU C 185 -23.60 -29.14 28.45
N VAL C 186 -24.68 -28.49 28.03
CA VAL C 186 -25.95 -28.63 28.73
C VAL C 186 -26.97 -29.28 27.81
N PRO C 187 -27.05 -30.61 27.79
CA PRO C 187 -27.76 -31.28 26.69
C PRO C 187 -29.22 -30.93 26.56
N GLY C 188 -29.83 -30.41 27.61
CA GLY C 188 -31.22 -30.08 27.36
C GLY C 188 -31.46 -28.63 27.02
N SER C 189 -30.39 -27.84 26.92
CA SER C 189 -30.50 -26.38 26.92
C SER C 189 -31.07 -25.81 25.64
N ASN C 190 -31.15 -26.62 24.58
CA ASN C 190 -31.76 -26.22 23.32
C ASN C 190 -33.28 -26.14 23.40
N ARG C 191 -33.90 -26.84 24.35
CA ARG C 191 -35.35 -26.90 24.45
C ARG C 191 -35.91 -25.91 25.45
N TRP C 192 -35.07 -25.07 26.05
CA TRP C 192 -35.49 -24.10 27.08
C TRP C 192 -36.33 -22.95 26.53
N LYS C 208 -24.55 -21.76 38.94
CA LYS C 208 -24.04 -23.08 38.57
C LYS C 208 -25.08 -23.93 37.80
N ILE C 209 -24.67 -24.51 36.68
CA ILE C 209 -25.55 -25.39 35.93
C ILE C 209 -24.93 -26.78 35.93
N ASP C 210 -25.80 -27.78 35.86
CA ASP C 210 -25.35 -29.16 35.73
C ASP C 210 -24.94 -29.42 34.30
N SER C 211 -23.73 -29.93 34.14
CA SER C 211 -23.05 -29.96 32.87
C SER C 211 -22.59 -31.38 32.60
N VAL C 212 -22.08 -31.58 31.40
CA VAL C 212 -21.52 -32.86 31.00
C VAL C 212 -20.22 -32.58 30.26
N PRO C 213 -19.11 -33.24 30.58
CA PRO C 213 -17.89 -33.08 29.79
C PRO C 213 -17.93 -33.91 28.52
N ALA C 214 -17.53 -33.28 27.41
CA ALA C 214 -17.51 -33.93 26.10
C ALA C 214 -16.28 -34.83 26.04
N ILE C 215 -16.41 -36.00 26.65
CA ILE C 215 -15.31 -36.96 26.65
C ILE C 215 -15.34 -37.73 25.34
N MET C 216 -14.25 -37.62 24.57
CA MET C 216 -14.18 -38.30 23.29
C MET C 216 -12.74 -38.64 22.94
N GLN C 217 -12.61 -39.46 21.91
CA GLN C 217 -11.36 -39.91 21.34
C GLN C 217 -11.10 -39.24 20.01
N PRO C 218 -9.86 -39.24 19.55
CA PRO C 218 -9.55 -38.61 18.26
C PRO C 218 -10.42 -39.09 17.12
N GLY C 219 -11.07 -38.14 16.46
CA GLY C 219 -11.97 -38.41 15.36
C GLY C 219 -13.44 -38.42 15.72
N ASP C 220 -13.77 -38.47 17.01
CA ASP C 220 -15.17 -38.42 17.43
C ASP C 220 -15.68 -36.98 17.34
N CYS C 221 -16.94 -36.79 16.89
CA CYS C 221 -17.59 -35.47 16.81
C CYS C 221 -18.62 -35.35 17.93
N TYR C 222 -18.95 -34.12 18.27
CA TYR C 222 -20.12 -33.83 19.11
C TYR C 222 -20.99 -32.90 18.28
N MET C 223 -21.88 -33.47 17.48
CA MET C 223 -22.72 -32.67 16.59
C MET C 223 -23.67 -31.79 17.40
N MET C 224 -23.61 -30.47 17.19
CA MET C 224 -24.20 -29.56 18.16
C MET C 224 -24.95 -28.40 17.52
N SER C 225 -26.17 -28.21 17.97
CA SER C 225 -26.99 -27.06 17.58
C SER C 225 -26.46 -25.80 18.25
N GLY C 226 -26.66 -24.67 17.58
CA GLY C 226 -26.31 -23.37 18.14
C GLY C 226 -27.16 -22.93 19.31
N LYS C 227 -28.22 -23.69 19.63
CA LYS C 227 -29.07 -23.43 20.79
C LYS C 227 -28.55 -24.08 22.07
N VAL C 228 -27.54 -24.92 21.99
CA VAL C 228 -27.05 -25.67 23.13
C VAL C 228 -25.98 -24.86 23.85
N ILE C 229 -26.10 -24.79 25.19
CA ILE C 229 -25.15 -24.08 26.02
C ILE C 229 -23.92 -24.95 26.25
N HIS C 230 -22.75 -24.34 26.16
CA HIS C 230 -21.50 -25.07 26.32
C HIS C 230 -20.34 -24.09 26.50
N GLY C 231 -19.21 -24.62 26.97
CA GLY C 231 -17.98 -23.88 27.05
C GLY C 231 -16.81 -24.83 27.15
N ALA C 232 -15.65 -24.37 26.72
CA ALA C 232 -14.43 -25.11 26.96
C ALA C 232 -14.14 -25.13 28.44
N GLY C 233 -13.56 -26.21 28.91
CA GLY C 233 -13.22 -26.34 30.30
C GLY C 233 -11.79 -25.93 30.61
N HIS C 234 -11.50 -25.90 31.90
CA HIS C 234 -10.14 -25.67 32.37
C HIS C 234 -9.24 -26.83 31.95
N ASN C 235 -8.12 -26.52 31.30
CA ASN C 235 -7.05 -27.47 31.07
C ASN C 235 -6.12 -27.42 32.27
N ALA C 236 -6.18 -28.47 33.09
CA ALA C 236 -5.39 -28.58 34.30
C ALA C 236 -4.16 -29.43 34.10
N THR C 237 -3.83 -29.76 32.85
CA THR C 237 -2.72 -30.65 32.52
C THR C 237 -1.34 -29.95 32.59
N ASP C 240 -0.28 -31.14 28.27
CA ASP C 240 -1.16 -31.75 27.27
C ASP C 240 -2.03 -30.67 26.63
N GLN C 241 -1.90 -30.51 25.32
CA GLN C 241 -2.49 -29.40 24.60
C GLN C 241 -3.69 -29.94 23.84
N ARG C 242 -4.89 -29.58 24.30
CA ARG C 242 -6.14 -30.23 23.93
C ARG C 242 -6.59 -29.69 22.57
N ARG C 243 -6.41 -30.47 21.52
CA ARG C 243 -6.68 -30.00 20.15
C ARG C 243 -8.07 -30.45 19.69
N ALA C 244 -8.82 -29.50 19.12
CA ALA C 244 -10.17 -29.74 18.62
C ALA C 244 -10.28 -29.25 17.19
N LEU C 245 -11.22 -29.81 16.45
CA LEU C 245 -11.50 -29.40 15.08
C LEU C 245 -12.98 -29.07 14.95
N ALA C 246 -13.28 -27.82 14.61
CA ALA C 246 -14.65 -27.29 14.63
C ALA C 246 -15.14 -26.97 13.21
N PHE C 247 -16.16 -27.70 12.77
CA PHE C 247 -16.89 -27.44 11.52
C PHE C 247 -18.14 -26.64 11.81
N SER C 248 -18.06 -25.32 11.68
CA SER C 248 -19.22 -24.46 11.89
C SER C 248 -19.96 -24.34 10.56
N THR C 249 -21.15 -24.91 10.49
CA THR C 249 -21.99 -24.83 9.29
C THR C 249 -23.22 -24.01 9.60
N ILE C 250 -23.68 -23.24 8.61
CA ILE C 250 -24.80 -22.34 8.78
C ILE C 250 -25.72 -22.48 7.57
N ARG C 251 -26.97 -22.10 7.75
CA ARG C 251 -27.90 -22.10 6.63
C ARG C 251 -27.50 -21.05 5.61
N ARG C 252 -27.93 -21.29 4.37
CA ARG C 252 -27.41 -20.56 3.22
C ARG C 252 -27.62 -19.06 3.32
N GLU C 253 -28.68 -18.61 4.02
CA GLU C 253 -29.03 -17.20 4.15
C GLU C 253 -28.16 -16.44 5.14
N LEU C 254 -27.32 -17.13 5.91
CA LEU C 254 -26.49 -16.51 6.92
C LEU C 254 -25.07 -16.31 6.41
N ARG C 255 -24.43 -15.25 6.90
CA ARG C 255 -23.10 -14.83 6.48
C ARG C 255 -22.02 -15.52 7.31
N PRO C 256 -21.01 -16.10 6.69
CA PRO C 256 -19.93 -16.70 7.47
C PRO C 256 -19.06 -15.64 8.13
N VAL C 257 -18.45 -16.02 9.26
CA VAL C 257 -17.46 -15.12 9.86
C VAL C 257 -16.18 -15.10 9.06
N GLN C 258 -15.86 -16.18 8.33
CA GLN C 258 -14.61 -16.26 7.58
C GLN C 258 -14.87 -15.96 6.11
N ALA C 259 -14.07 -15.05 5.54
CA ALA C 259 -14.19 -14.62 4.15
C ALA C 259 -13.48 -15.59 3.22
N PHE C 260 -13.88 -16.86 3.33
CA PHE C 260 -13.20 -18.01 2.71
C PHE C 260 -12.85 -17.86 1.24
N PRO C 261 -13.76 -17.46 0.34
CA PRO C 261 -13.38 -17.33 -1.07
C PRO C 261 -12.44 -16.14 -1.35
N LEU C 262 -12.12 -15.34 -0.35
CA LEU C 262 -11.26 -14.19 -0.52
C LEU C 262 -9.87 -14.41 0.03
N TRP C 263 -9.60 -15.55 0.68
CA TRP C 263 -8.23 -15.88 1.06
C TRP C 263 -7.83 -17.32 0.76
N ILE C 264 -8.72 -18.12 0.20
CA ILE C 264 -8.38 -19.45 -0.29
C ILE C 264 -8.01 -19.31 -1.77
N PRO C 265 -6.77 -19.62 -2.16
CA PRO C 265 -6.39 -19.49 -3.56
C PRO C 265 -7.27 -20.32 -4.49
N MET C 266 -7.30 -19.89 -5.75
CA MET C 266 -8.13 -20.57 -6.74
C MET C 266 -7.53 -21.92 -7.13
N GLN C 267 -6.21 -22.06 -7.07
CA GLN C 267 -5.59 -23.37 -7.34
C GLN C 267 -5.99 -24.39 -6.27
N ILE C 268 -6.33 -23.92 -5.07
CA ILE C 268 -6.92 -24.78 -4.04
C ILE C 268 -8.41 -25.03 -4.33
N ALA C 269 -9.11 -24.02 -4.87
CA ALA C 269 -10.54 -24.14 -5.10
C ALA C 269 -10.87 -25.10 -6.24
N THR C 270 -10.12 -25.06 -7.34
CA THR C 270 -10.35 -26.02 -8.43
C THR C 270 -10.11 -27.46 -7.97
N GLU C 271 -9.27 -27.63 -6.95
CA GLU C 271 -8.94 -28.90 -6.27
C GLU C 271 -10.05 -29.38 -5.39
N LEU C 272 -11.26 -28.83 -5.40
CA LEU C 272 -12.29 -29.23 -4.45
C LEU C 272 -13.48 -29.81 -5.19
N SER C 273 -14.22 -30.65 -4.49
CA SER C 273 -15.44 -31.17 -5.02
C SER C 273 -16.44 -30.03 -5.08
N PRO C 274 -17.44 -30.14 -5.96
CA PRO C 274 -18.47 -29.08 -6.05
C PRO C 274 -19.13 -28.76 -4.73
N ARG C 275 -19.40 -29.78 -3.91
CA ARG C 275 -20.07 -29.54 -2.64
C ARG C 275 -19.13 -28.85 -1.66
N THR C 276 -17.85 -29.23 -1.68
CA THR C 276 -16.91 -28.55 -0.82
C THR C 276 -16.52 -27.21 -1.40
N GLN C 277 -16.63 -27.04 -2.72
CA GLN C 277 -16.48 -25.70 -3.29
C GLN C 277 -17.66 -24.81 -2.90
N ALA C 278 -18.88 -25.37 -2.87
CA ALA C 278 -20.03 -24.59 -2.40
C ALA C 278 -19.94 -24.34 -0.90
N MET C 279 -19.40 -25.30 -0.13
CA MET C 279 -19.18 -25.10 1.30
C MET C 279 -18.32 -23.88 1.60
N PHE C 280 -17.38 -23.51 0.70
CA PHE C 280 -16.53 -22.35 0.91
C PHE C 280 -16.89 -21.16 0.04
N GLY C 281 -18.09 -21.14 -0.55
CA GLY C 281 -18.52 -19.96 -1.24
C GLY C 281 -17.97 -19.77 -2.64
N PHE C 282 -17.29 -20.76 -3.21
CA PHE C 282 -16.89 -20.71 -4.60
C PHE C 282 -18.00 -21.13 -5.55
N ARG C 283 -19.09 -21.69 -5.05
CA ARG C 283 -20.31 -21.89 -5.81
C ARG C 283 -21.48 -21.35 -5.00
N SER C 284 -22.59 -21.10 -5.68
CA SER C 284 -23.77 -20.53 -5.03
C SER C 284 -24.66 -21.63 -4.49
N HIS C 295 -29.88 -18.16 -6.12
CA HIS C 295 -30.65 -17.49 -5.07
C HIS C 295 -29.74 -16.68 -4.12
N PHE C 296 -28.64 -17.25 -3.64
CA PHE C 296 -27.74 -16.51 -2.78
C PHE C 296 -26.33 -16.52 -3.34
N TRP C 297 -25.62 -15.42 -3.17
CA TRP C 297 -24.20 -15.38 -3.44
C TRP C 297 -23.94 -15.67 -4.92
N GLY C 298 -24.64 -14.93 -5.78
CA GLY C 298 -24.59 -15.18 -7.22
C GLY C 298 -23.99 -14.09 -8.09
N ASN C 299 -24.07 -14.28 -9.41
CA ASN C 299 -23.65 -13.29 -10.39
C ASN C 299 -24.84 -13.00 -11.29
N ASP C 300 -25.75 -12.15 -10.80
CA ASP C 300 -27.06 -11.91 -11.40
C ASP C 300 -27.88 -13.19 -11.37
N LYS C 302 -27.01 -16.34 -11.74
CA LYS C 302 -25.96 -17.16 -12.35
C LYS C 302 -24.91 -17.60 -11.31
N ASP C 303 -24.75 -18.91 -11.11
CA ASP C 303 -23.83 -19.45 -10.12
C ASP C 303 -22.49 -18.76 -10.25
N ILE C 304 -21.97 -18.26 -9.13
CA ILE C 304 -20.67 -17.61 -9.17
C ILE C 304 -19.60 -18.58 -9.64
N GLY C 305 -19.85 -19.88 -9.56
CA GLY C 305 -18.90 -20.86 -10.07
C GLY C 305 -18.72 -20.79 -11.56
N GLU C 306 -19.78 -20.44 -12.31
CA GLU C 306 -19.62 -20.26 -13.74
C GLU C 306 -18.63 -19.15 -14.02
N HIS C 307 -18.83 -17.99 -13.39
CA HIS C 307 -17.93 -16.86 -13.57
C HIS C 307 -16.51 -17.18 -13.10
N LEU C 308 -16.36 -17.89 -11.99
CA LEU C 308 -15.00 -18.16 -11.54
C LEU C 308 -14.33 -19.26 -12.36
N GLY C 309 -15.00 -19.79 -13.38
CA GLY C 309 -14.41 -20.79 -14.23
C GLY C 309 -14.47 -22.20 -13.70
N LEU C 310 -15.32 -22.46 -12.71
CA LEU C 310 -15.42 -23.75 -12.05
C LEU C 310 -16.49 -24.64 -12.66
N ILE C 311 -17.63 -24.07 -13.04
CA ILE C 311 -18.67 -24.84 -13.72
C ILE C 311 -18.55 -24.57 -15.22
N SER D 23 -8.54 11.08 -3.82
CA SER D 23 -7.28 10.52 -4.31
C SER D 23 -7.37 9.02 -4.52
N LEU D 25 -5.82 7.31 -7.60
CA LEU D 25 -4.80 6.57 -8.35
C LEU D 25 -5.26 6.20 -9.75
N GLN D 26 -4.63 6.76 -10.77
CA GLN D 26 -5.09 6.57 -12.14
C GLN D 26 -4.18 5.62 -12.90
N LYS D 27 -4.72 5.08 -14.00
CA LYS D 27 -4.03 4.15 -14.91
C LYS D 27 -4.16 4.64 -16.34
N PHE D 28 -3.04 4.75 -17.04
CA PHE D 28 -3.01 5.21 -18.42
C PHE D 28 -2.26 4.20 -19.29
N PRO D 29 -2.58 4.12 -20.59
CA PRO D 29 -1.76 3.30 -21.48
C PRO D 29 -0.37 3.89 -21.66
N ALA D 30 0.51 3.23 -22.41
CA ALA D 30 1.80 3.85 -22.73
C ALA D 30 1.74 4.75 -23.96
N THR D 31 0.71 4.61 -24.79
CA THR D 31 0.49 5.55 -25.86
C THR D 31 -0.15 6.85 -25.36
N ALA D 32 -0.51 6.92 -24.07
CA ALA D 32 -1.14 8.10 -23.51
C ALA D 32 -0.19 9.30 -23.61
N PRO D 33 -0.72 10.49 -23.91
CA PRO D 33 0.13 11.70 -24.04
C PRO D 33 0.83 12.08 -22.73
N ALA D 34 2.17 12.17 -22.78
CA ALA D 34 3.01 12.24 -21.58
C ALA D 34 2.53 13.28 -20.59
N ASP D 35 1.91 14.35 -21.05
CA ASP D 35 1.38 15.33 -20.12
C ASP D 35 0.15 14.79 -19.38
N GLU D 36 -0.77 14.14 -20.11
CA GLU D 36 -1.89 13.51 -19.45
C GLU D 36 -1.40 12.53 -18.38
N ILE D 37 -0.28 11.87 -18.66
CA ILE D 37 0.34 10.99 -17.66
C ILE D 37 1.02 11.82 -16.57
N TYR D 38 1.74 12.89 -16.94
CA TYR D 38 2.42 13.72 -15.94
C TYR D 38 1.42 14.52 -15.10
N ALA D 39 0.29 14.92 -15.69
CA ALA D 39 -0.73 15.61 -14.92
C ALA D 39 -1.31 14.71 -13.83
N ALA D 40 -1.42 13.40 -14.10
CA ALA D 40 -1.94 12.46 -13.10
C ALA D 40 -0.90 12.18 -12.02
N PHE D 41 0.36 12.01 -12.44
CA PHE D 41 1.45 11.89 -11.48
C PHE D 41 1.51 13.08 -10.54
N LYS D 42 1.35 14.30 -11.07
CA LYS D 42 1.57 15.51 -10.28
C LYS D 42 0.57 15.63 -9.11
N GLU D 43 -0.73 15.41 -9.37
CA GLU D 43 -1.74 15.57 -8.32
C GLU D 43 -1.85 14.35 -7.41
N ASP D 44 -1.64 13.12 -7.93
CA ASP D 44 -1.76 11.94 -7.10
C ASP D 44 -0.42 11.36 -6.68
N GLY D 45 0.69 11.83 -7.25
CA GLY D 45 1.97 11.30 -6.86
C GLY D 45 2.20 9.95 -7.48
N VAL D 47 0.27 7.68 -10.82
CA VAL D 47 0.14 7.26 -12.22
C VAL D 47 0.52 5.78 -12.47
N ILE D 48 -0.38 5.01 -13.10
CA ILE D 48 -0.05 3.67 -13.59
C ILE D 48 -0.01 3.70 -15.11
N ILE D 49 1.01 3.04 -15.68
CA ILE D 49 1.24 3.04 -17.13
C ILE D 49 1.25 1.59 -17.60
N GLU D 50 0.17 1.16 -18.25
CA GLU D 50 0.07 -0.22 -18.72
C GLU D 50 0.90 -0.38 -19.98
N GLY D 51 1.74 -1.40 -20.00
CA GLY D 51 2.61 -1.56 -21.15
C GLY D 51 3.72 -0.53 -21.21
N PHE D 52 4.16 -0.04 -20.05
CA PHE D 52 5.33 0.83 -19.99
C PHE D 52 6.52 0.19 -20.72
N VAL D 53 6.92 -1.00 -20.28
CA VAL D 53 7.89 -1.82 -20.98
C VAL D 53 7.14 -2.86 -21.80
N PRO D 54 7.44 -3.03 -23.08
CA PRO D 54 6.74 -4.03 -23.88
C PRO D 54 6.86 -5.40 -23.24
N PRO D 55 5.76 -6.13 -23.13
CA PRO D 55 5.80 -7.45 -22.46
C PRO D 55 6.87 -8.39 -22.99
N ASP D 56 7.15 -8.36 -24.30
CA ASP D 56 8.13 -9.30 -24.85
C ASP D 56 9.55 -8.95 -24.44
N GLN D 57 9.85 -7.65 -24.31
CA GLN D 57 11.14 -7.26 -23.74
C GLN D 57 11.26 -7.71 -22.30
N MET D 58 10.30 -7.32 -21.47
CA MET D 58 10.27 -7.77 -20.10
C MET D 58 10.43 -9.29 -19.97
N ALA D 59 9.77 -10.03 -20.87
CA ALA D 59 9.87 -11.49 -20.88
C ALA D 59 11.29 -11.95 -21.15
N ARG D 60 11.92 -11.40 -22.19
CA ARG D 60 13.27 -11.82 -22.52
C ARG D 60 14.27 -11.37 -21.47
N PHE D 61 14.10 -10.15 -20.96
CA PHE D 61 14.97 -9.66 -19.89
C PHE D 61 14.94 -10.62 -18.71
N SER D 62 13.74 -11.00 -18.28
CA SER D 62 13.62 -11.90 -17.14
C SER D 62 14.29 -13.23 -17.40
N GLN D 63 14.32 -13.67 -18.66
CA GLN D 63 15.00 -14.91 -19.02
C GLN D 63 16.51 -14.76 -18.92
N GLU D 64 17.04 -13.57 -19.28
CA GLU D 64 18.48 -13.37 -19.26
C GLU D 64 19.03 -13.25 -17.85
N ILE D 65 18.31 -12.58 -16.95
CA ILE D 65 18.76 -12.45 -15.56
C ILE D 65 18.46 -13.68 -14.72
N GLN D 66 17.78 -14.69 -15.28
CA GLN D 66 17.30 -15.87 -14.55
C GLN D 66 18.40 -16.78 -14.02
N PRO D 67 19.45 -17.09 -14.79
CA PRO D 67 20.55 -17.86 -14.18
C PRO D 67 21.20 -17.13 -13.02
N ALA D 68 21.51 -15.84 -13.19
CA ALA D 68 22.08 -15.07 -12.08
C ALA D 68 21.11 -14.98 -10.91
N MET D 69 19.80 -14.93 -11.18
CA MET D 69 18.83 -14.95 -10.11
C MET D 69 18.69 -16.34 -9.51
N GLU D 70 18.90 -17.39 -10.32
CA GLU D 70 19.00 -18.73 -9.76
C GLU D 70 20.15 -18.81 -8.78
N LYS D 71 21.30 -18.22 -9.14
CA LYS D 71 22.54 -18.18 -8.38
C LYS D 71 22.45 -17.30 -7.12
N ILE D 72 21.27 -16.92 -6.63
CA ILE D 72 21.14 -16.10 -5.44
C ILE D 72 20.36 -16.89 -4.39
N GLN D 73 20.61 -16.58 -3.11
CA GLN D 73 20.02 -17.33 -2.00
C GLN D 73 18.72 -16.71 -1.50
N THR D 77 14.57 -14.21 8.73
CA THR D 77 13.83 -13.62 9.83
C THR D 77 14.78 -12.98 10.83
N ASP D 84 15.19 -10.60 3.63
CA ASP D 84 14.27 -11.46 4.38
C ASP D 84 13.26 -12.09 3.43
N ARG D 85 13.66 -13.20 2.80
CA ARG D 85 12.84 -13.90 1.81
C ARG D 85 12.42 -12.95 0.69
N VAL D 86 13.36 -12.11 0.26
CA VAL D 86 13.24 -11.25 -0.91
C VAL D 86 14.60 -11.24 -1.62
N LYS D 87 14.58 -11.39 -2.94
CA LYS D 87 15.78 -11.32 -3.78
C LYS D 87 15.87 -9.95 -4.42
N ARG D 88 17.09 -9.39 -4.43
CA ARG D 88 17.35 -8.08 -5.01
C ARG D 88 18.60 -8.20 -5.88
N PHE D 89 18.51 -7.71 -7.11
CA PHE D 89 19.54 -7.93 -8.12
C PHE D 89 19.68 -6.65 -8.94
N SER D 90 20.89 -6.09 -8.95
CA SER D 90 21.16 -4.78 -9.53
C SER D 90 22.07 -4.81 -10.75
N LYS D 91 22.75 -5.92 -11.02
CA LYS D 91 23.68 -6.01 -12.14
C LYS D 91 22.93 -6.33 -13.44
N LEU D 92 22.00 -5.45 -13.79
CA LEU D 92 21.08 -5.69 -14.91
C LEU D 92 21.71 -5.30 -16.25
N VAL D 93 22.49 -4.21 -16.26
CA VAL D 93 23.10 -3.72 -17.49
C VAL D 93 24.19 -4.68 -17.99
N THR D 94 24.86 -5.39 -17.08
CA THR D 94 25.89 -6.34 -17.48
C THR D 94 25.31 -7.72 -17.76
N THR D 95 24.19 -8.07 -17.15
CA THR D 95 23.60 -9.41 -17.23
C THR D 95 22.75 -9.60 -18.46
N SER D 96 22.04 -8.56 -18.85
CA SER D 96 20.90 -8.70 -19.75
C SER D 96 21.09 -7.81 -20.97
N PRO D 97 21.37 -8.38 -22.12
CA PRO D 97 21.38 -7.55 -23.35
C PRO D 97 20.05 -6.89 -23.62
N THR D 98 18.93 -7.55 -23.29
CA THR D 98 17.61 -6.98 -23.54
C THR D 98 17.37 -5.74 -22.69
N PHE D 99 17.76 -5.79 -21.42
CA PHE D 99 17.68 -4.60 -20.58
C PHE D 99 18.67 -3.56 -21.03
N ARG D 100 19.90 -3.98 -21.30
CA ARG D 100 20.96 -3.04 -21.67
C ARG D 100 20.57 -2.23 -22.91
N HIS D 101 19.94 -2.86 -23.89
CA HIS D 101 19.73 -2.27 -25.20
C HIS D 101 18.29 -1.91 -25.53
N GLU D 102 17.31 -2.56 -24.92
CA GLU D 102 15.91 -2.32 -25.25
C GLU D 102 15.13 -1.68 -24.12
N ILE D 103 15.24 -2.23 -22.90
CA ILE D 103 14.43 -1.71 -21.82
C ILE D 103 14.95 -0.37 -21.31
N LEU D 104 16.27 -0.14 -21.36
CA LEU D 104 16.77 1.16 -20.94
C LEU D 104 16.35 2.28 -21.87
N GLU D 105 16.08 1.97 -23.12
CA GLU D 105 15.77 2.99 -24.12
C GLU D 105 14.26 3.09 -24.27
N ASN D 106 13.66 3.81 -23.34
CA ASN D 106 12.23 3.99 -23.20
C ASN D 106 11.98 5.50 -23.30
N ASP D 107 11.48 5.95 -24.45
CA ASP D 107 11.36 7.39 -24.66
C ASP D 107 10.32 8.01 -23.73
N LEU D 108 9.34 7.22 -23.28
CA LEU D 108 8.33 7.77 -22.38
C LEU D 108 8.88 7.96 -20.98
N MET D 109 9.77 7.07 -20.54
CA MET D 109 10.41 7.27 -19.25
C MET D 109 11.16 8.60 -19.21
N HIS D 110 11.77 8.98 -20.33
CA HIS D 110 12.52 10.24 -20.38
C HIS D 110 11.62 11.46 -20.60
N GLU D 111 10.52 11.32 -21.36
CA GLU D 111 9.56 12.42 -21.48
C GLU D 111 9.04 12.84 -20.12
N LEU D 112 8.73 11.86 -19.27
CA LEU D 112 8.19 12.13 -17.94
C LEU D 112 9.26 12.64 -16.98
N LEU D 113 10.45 12.06 -17.03
CA LEU D 113 11.54 12.55 -16.18
C LEU D 113 11.96 13.97 -16.58
N GLN D 114 11.90 14.31 -17.87
CA GLN D 114 12.15 15.69 -18.25
C GLN D 114 11.12 16.62 -17.60
N ARG D 115 9.84 16.25 -17.66
CA ARG D 115 8.79 17.07 -17.07
C ARG D 115 8.88 17.12 -15.55
N VAL D 116 9.45 16.08 -14.94
CA VAL D 116 9.56 16.05 -13.48
C VAL D 116 10.81 16.80 -13.01
N PHE D 117 11.94 16.68 -13.73
CA PHE D 117 13.22 17.09 -13.17
C PHE D 117 13.92 18.22 -13.90
N SER D 118 13.78 18.32 -15.22
CA SER D 118 14.65 19.20 -16.00
C SER D 118 14.25 20.66 -15.85
N LYS D 119 15.26 21.53 -15.92
CA LYS D 119 15.07 22.99 -15.91
C LYS D 119 15.52 23.52 -17.26
N MET D 124 20.51 17.42 -18.96
CA MET D 124 19.58 16.41 -18.42
C MET D 124 19.55 16.50 -16.89
N GLY D 125 18.41 16.87 -16.33
CA GLY D 125 18.35 17.23 -14.93
C GLY D 125 18.05 16.09 -13.99
N TYR D 126 18.35 14.87 -14.43
CA TYR D 126 18.06 13.65 -13.69
C TYR D 126 19.05 12.56 -14.09
N HIS D 127 19.32 11.66 -13.16
CA HIS D 127 20.14 10.50 -13.46
C HIS D 127 19.57 9.35 -12.65
N PHE D 128 20.21 8.18 -12.73
CA PHE D 128 19.70 7.01 -12.04
C PHE D 128 20.13 7.02 -10.58
N ASN D 129 19.25 6.54 -9.73
CA ASN D 129 19.60 6.23 -8.36
C ASN D 129 19.97 4.76 -8.20
N ASP D 130 19.18 3.88 -8.81
CA ASP D 130 19.39 2.43 -8.71
C ASP D 130 18.57 1.77 -9.81
N THR D 131 18.96 0.54 -10.16
CA THR D 131 18.19 -0.30 -11.10
C THR D 131 18.18 -1.68 -10.47
N MET D 132 17.05 -2.08 -9.89
CA MET D 132 17.00 -3.29 -9.09
C MET D 132 15.85 -4.21 -9.47
N VAL D 133 16.14 -5.50 -9.60
CA VAL D 133 15.10 -6.52 -9.66
C VAL D 133 14.83 -6.98 -8.24
N ILE D 134 13.65 -6.65 -7.72
CA ILE D 134 13.20 -7.07 -6.41
C ILE D 134 12.15 -8.16 -6.62
N GLU D 135 12.43 -9.35 -6.09
CA GLU D 135 11.57 -10.51 -6.26
C GLU D 135 11.16 -11.01 -4.89
N VAL D 136 9.89 -10.81 -4.52
CA VAL D 136 9.38 -11.22 -3.22
C VAL D 136 8.95 -12.68 -3.27
N GLN D 137 9.39 -13.43 -2.33
CA GLN D 137 9.34 -14.87 -2.22
C GLN D 137 8.17 -15.33 -1.35
N PRO D 138 7.67 -16.54 -1.59
CA PRO D 138 6.57 -17.07 -0.79
C PRO D 138 6.81 -16.88 0.70
N GLY D 139 5.74 -16.46 1.40
CA GLY D 139 5.78 -16.31 2.85
C GLY D 139 6.44 -15.06 3.36
N ALA D 140 7.05 -14.26 2.50
CA ALA D 140 7.76 -13.07 2.94
C ALA D 140 6.79 -12.09 3.61
N PRO D 141 7.18 -11.49 4.72
CA PRO D 141 6.26 -10.59 5.42
C PRO D 141 6.10 -9.25 4.68
N ALA D 142 5.06 -8.53 5.10
CA ALA D 142 4.86 -7.18 4.60
C ALA D 142 6.02 -6.30 5.00
N GLN D 143 6.48 -5.50 4.05
CA GLN D 143 7.48 -4.49 4.29
C GLN D 143 6.82 -3.25 4.86
N ARG D 144 7.56 -2.52 5.70
CA ARG D 144 7.00 -1.34 6.35
C ARG D 144 6.69 -0.23 5.35
N LEU D 145 5.58 0.48 5.60
CA LEU D 145 5.21 1.62 4.80
C LEU D 145 6.22 2.75 4.97
N HIS D 146 6.53 3.44 3.87
CA HIS D 146 7.55 4.47 3.92
C HIS D 146 7.44 5.28 2.64
N ARG D 147 8.00 6.50 2.68
CA ARG D 147 8.24 7.30 1.51
C ARG D 147 9.66 7.06 1.04
N ASP D 148 9.84 6.83 -0.26
CA ASP D 148 11.18 6.61 -0.79
C ASP D 148 12.12 7.77 -0.47
N GLN D 149 11.61 8.96 -0.20
CA GLN D 149 12.48 10.11 -0.04
C GLN D 149 13.10 10.21 1.34
N GLU D 150 12.83 9.26 2.24
CA GLU D 150 13.59 9.17 3.49
C GLU D 150 15.08 8.95 3.24
N LEU D 151 15.44 8.59 2.02
CA LEU D 151 16.84 8.46 1.62
C LEU D 151 17.57 9.80 1.74
N TYR D 152 16.92 10.89 1.36
CA TYR D 152 17.44 12.24 1.53
C TYR D 152 16.72 12.86 2.72
N PRO D 153 17.26 12.65 3.93
CA PRO D 153 16.44 12.75 5.15
C PRO D 153 15.84 14.12 5.40
N TRP D 154 16.18 15.13 4.62
CA TRP D 154 15.67 16.47 4.86
C TRP D 154 14.45 16.80 3.98
N TRP D 155 14.05 15.90 3.08
CA TRP D 155 13.07 16.27 2.06
C TRP D 155 11.66 16.36 2.64
N ASN D 156 11.31 15.47 3.58
CA ASN D 156 9.96 15.49 4.14
C ASN D 156 9.67 16.82 4.82
N SER D 157 10.69 17.41 5.46
CA SER D 157 10.56 18.73 6.07
C SER D 157 10.20 19.79 5.05
N MET D 158 10.43 19.54 3.76
CA MET D 158 10.09 20.53 2.76
C MET D 158 8.62 20.49 2.37
N GLY D 159 7.87 19.53 2.89
CA GLY D 159 6.43 19.56 2.82
C GLY D 159 5.91 18.93 1.55
N PRO D 160 4.59 18.97 1.38
CA PRO D 160 3.97 18.39 0.18
C PRO D 160 4.06 19.25 -1.08
N ASP D 161 4.54 20.48 -1.01
CA ASP D 161 4.76 21.26 -2.22
C ASP D 161 6.25 21.36 -2.57
N ALA D 162 7.08 20.49 -2.01
CA ALA D 162 8.51 20.50 -2.24
C ALA D 162 8.83 19.95 -3.64
N PRO D 163 9.97 20.35 -4.23
CA PRO D 163 10.32 19.80 -5.54
C PRO D 163 10.56 18.32 -5.41
N GLU D 164 10.40 17.61 -6.52
CA GLU D 164 10.56 16.16 -6.45
C GLU D 164 12.04 15.82 -6.35
N CYS D 165 12.39 14.91 -5.44
CA CYS D 165 13.76 14.41 -5.38
C CYS D 165 13.96 13.08 -6.10
N LEU D 166 12.94 12.23 -6.12
CA LEU D 166 13.09 10.85 -6.54
C LEU D 166 11.81 10.40 -7.19
N VAL D 167 11.93 9.76 -8.34
CA VAL D 167 10.81 9.11 -9.00
C VAL D 167 11.19 7.64 -9.23
N ASN D 168 10.34 6.75 -8.80
CA ASN D 168 10.54 5.34 -9.03
C ASN D 168 9.53 4.85 -10.08
N PHE D 169 10.03 4.23 -11.16
CA PHE D 169 9.20 3.47 -12.11
C PHE D 169 9.32 2.00 -11.72
N PHE D 170 8.33 1.49 -10.99
CA PHE D 170 8.33 0.14 -10.45
C PHE D 170 7.53 -0.73 -11.42
N CYS D 171 8.23 -1.39 -12.33
CA CYS D 171 7.62 -2.13 -13.42
C CYS D 171 7.51 -3.62 -13.04
N ALA D 172 6.41 -4.26 -13.45
CA ALA D 172 6.13 -5.65 -13.08
C ALA D 172 6.73 -6.61 -14.10
N VAL D 173 7.60 -7.51 -13.62
CA VAL D 173 8.23 -8.53 -14.47
C VAL D 173 7.36 -9.78 -14.59
N THR D 174 6.94 -10.35 -13.47
CA THR D 174 5.85 -11.31 -13.40
C THR D 174 4.59 -10.60 -12.89
N PRO D 175 3.42 -11.24 -12.90
CA PRO D 175 2.22 -10.51 -12.49
C PRO D 175 2.22 -10.20 -10.99
N PHE D 176 1.60 -9.06 -10.67
CA PHE D 176 1.34 -8.64 -9.30
C PHE D 176 -0.09 -8.99 -8.95
N THR D 177 -0.30 -9.61 -7.80
CA THR D 177 -1.62 -9.98 -7.35
C THR D 177 -1.76 -9.64 -5.87
N VAL D 178 -3.01 -9.56 -5.40
CA VAL D 178 -3.20 -9.33 -3.98
C VAL D 178 -2.50 -10.40 -3.16
N GLU D 179 -2.38 -11.61 -3.73
CA GLU D 179 -1.75 -12.74 -3.04
C GLU D 179 -0.23 -12.63 -3.04
N ASN D 180 0.41 -12.62 -4.21
CA ASN D 180 1.86 -12.69 -4.25
C ASN D 180 2.59 -11.44 -3.73
N GLY D 181 1.90 -10.56 -3.00
CA GLY D 181 2.60 -9.45 -2.39
C GLY D 181 2.80 -8.20 -3.22
N ALA D 182 1.79 -7.85 -4.03
CA ALA D 182 1.79 -6.58 -4.73
C ALA D 182 2.06 -5.44 -3.76
N THR D 183 2.67 -4.38 -4.26
CA THR D 183 2.91 -3.21 -3.43
C THR D 183 1.60 -2.61 -2.95
N ARG D 184 1.58 -2.17 -1.70
CA ARG D 184 0.50 -1.34 -1.20
C ARG D 184 0.96 0.11 -1.30
N LEU D 185 0.15 0.96 -1.91
CA LEU D 185 0.45 2.38 -2.06
C LEU D 185 -0.70 3.21 -1.50
N VAL D 186 -0.43 4.49 -1.28
CA VAL D 186 -1.43 5.43 -0.76
C VAL D 186 -1.42 6.66 -1.67
N PRO D 187 -2.44 6.86 -2.51
CA PRO D 187 -2.34 7.89 -3.58
C PRO D 187 -2.21 9.34 -3.12
N GLY D 188 -3.04 9.80 -2.19
CA GLY D 188 -2.87 11.20 -1.86
C GLY D 188 -1.86 11.52 -0.79
N SER D 189 -1.10 10.53 -0.33
CA SER D 189 -0.17 10.71 0.78
C SER D 189 1.01 11.60 0.47
N ASN D 190 1.17 12.04 -0.77
CA ASN D 190 2.19 13.02 -1.10
C ASN D 190 1.75 14.42 -0.70
N ARG D 191 0.50 14.77 -0.99
CA ARG D 191 -0.09 16.07 -0.74
C ARG D 191 -0.41 16.30 0.72
N TRP D 192 0.13 15.52 1.61
CA TRP D 192 -0.24 15.69 3.01
C TRP D 192 0.56 16.80 3.65
N PRO D 193 -0.09 17.61 4.51
CA PRO D 193 0.61 18.75 5.14
C PRO D 193 1.86 18.37 5.92
N GLU D 194 1.83 17.25 6.66
CA GLU D 194 2.94 16.81 7.49
C GLU D 194 3.48 15.51 6.92
N LEU D 195 4.67 15.58 6.33
CA LEU D 195 5.33 14.41 5.77
C LEU D 195 6.37 13.91 6.75
N LYS D 208 -4.23 -0.41 9.92
CA LYS D 208 -4.11 0.93 10.52
C LYS D 208 -4.13 2.06 9.49
N ILE D 209 -3.86 1.78 8.21
CA ILE D 209 -3.89 2.79 7.16
C ILE D 209 -4.53 2.20 5.90
N ASP D 210 -5.41 2.98 5.25
CA ASP D 210 -6.05 2.55 4.01
C ASP D 210 -5.08 2.67 2.84
N SER D 211 -5.09 1.66 1.98
CA SER D 211 -4.15 1.59 0.87
C SER D 211 -4.83 0.88 -0.29
N VAL D 212 -4.13 0.85 -1.43
CA VAL D 212 -4.55 0.07 -2.60
C VAL D 212 -3.44 -0.93 -2.91
N PRO D 213 -3.76 -2.12 -3.38
CA PRO D 213 -2.71 -2.99 -3.92
C PRO D 213 -2.33 -2.56 -5.33
N ALA D 214 -1.06 -2.79 -5.66
CA ALA D 214 -0.56 -2.51 -7.00
C ALA D 214 -0.73 -3.76 -7.86
N ILE D 215 -1.93 -3.91 -8.42
CA ILE D 215 -2.25 -5.02 -9.32
C ILE D 215 -1.77 -4.66 -10.73
N MET D 216 -0.88 -5.47 -11.30
CA MET D 216 -0.47 -5.22 -12.67
C MET D 216 0.07 -6.47 -13.32
N GLN D 217 0.00 -6.48 -14.68
CA GLN D 217 0.55 -7.47 -15.59
C GLN D 217 1.98 -7.14 -15.94
N PRO D 218 2.76 -8.11 -16.41
CA PRO D 218 4.11 -7.82 -16.88
C PRO D 218 4.15 -6.68 -17.89
N GLY D 219 5.10 -5.78 -17.68
CA GLY D 219 5.28 -4.62 -18.50
C GLY D 219 4.69 -3.35 -17.92
N ASP D 220 3.64 -3.47 -17.12
CA ASP D 220 3.05 -2.30 -16.48
C ASP D 220 4.00 -1.74 -15.41
N CYS D 221 4.02 -0.41 -15.30
CA CYS D 221 4.76 0.33 -14.28
C CYS D 221 3.80 1.05 -13.34
N TYR D 222 4.25 1.29 -12.11
CA TYR D 222 3.69 2.31 -11.24
C TYR D 222 4.74 3.40 -11.12
N MET D 223 4.44 4.60 -11.60
CA MET D 223 5.38 5.73 -11.51
C MET D 223 5.13 6.49 -10.21
N MET D 224 6.10 6.50 -9.31
CA MET D 224 5.87 6.86 -7.92
C MET D 224 6.84 7.91 -7.40
N SER D 225 6.29 9.03 -6.93
CA SER D 225 7.04 10.07 -6.27
C SER D 225 7.69 9.55 -5.00
N GLY D 226 8.80 10.18 -4.61
CA GLY D 226 9.41 9.88 -3.34
C GLY D 226 8.52 10.23 -2.16
N LYS D 227 7.48 11.02 -2.38
CA LYS D 227 6.59 11.45 -1.30
C LYS D 227 5.49 10.44 -0.99
N VAL D 228 5.39 9.32 -1.72
CA VAL D 228 4.24 8.44 -1.61
C VAL D 228 4.55 7.29 -0.66
N ILE D 229 3.67 7.10 0.32
CA ILE D 229 3.77 5.99 1.25
C ILE D 229 3.39 4.70 0.56
N HIS D 230 4.12 3.63 0.87
CA HIS D 230 3.98 2.37 0.16
C HIS D 230 4.86 1.34 0.86
N GLY D 231 4.62 0.09 0.52
CA GLY D 231 5.36 -0.99 1.08
C GLY D 231 4.94 -2.25 0.36
N ALA D 232 5.88 -3.15 0.12
CA ALA D 232 5.54 -4.43 -0.47
C ALA D 232 4.59 -5.18 0.45
N GLY D 233 3.74 -5.99 -0.14
CA GLY D 233 2.87 -6.82 0.64
C GLY D 233 3.49 -8.15 1.05
N HIS D 234 2.80 -8.81 1.97
CA HIS D 234 3.09 -10.19 2.31
C HIS D 234 2.83 -11.08 1.11
N ASN D 235 3.82 -11.89 0.73
CA ASN D 235 3.61 -12.90 -0.29
C ASN D 235 3.02 -14.12 0.39
N ALA D 236 1.71 -14.29 0.23
CA ALA D 236 1.02 -15.39 0.89
C ALA D 236 1.00 -16.66 0.05
N THR D 237 1.28 -16.57 -1.26
CA THR D 237 1.29 -17.74 -2.10
C THR D 237 2.36 -18.73 -1.61
N LEU D 238 2.29 -19.93 -2.17
CA LEU D 238 3.27 -20.95 -1.84
C LEU D 238 4.34 -21.07 -2.92
N SER D 239 4.08 -20.55 -4.10
CA SER D 239 4.88 -20.82 -5.28
C SER D 239 5.15 -19.59 -6.14
N ASP D 240 4.43 -18.50 -5.94
CA ASP D 240 4.50 -17.33 -6.81
C ASP D 240 5.63 -16.44 -6.31
N GLN D 241 6.72 -16.38 -7.07
CA GLN D 241 7.80 -15.43 -6.81
C GLN D 241 7.46 -14.14 -7.55
N ARG D 242 7.05 -13.13 -6.80
CA ARG D 242 6.65 -11.84 -7.37
C ARG D 242 7.92 -11.09 -7.74
N ARG D 243 8.24 -11.03 -9.03
CA ARG D 243 9.44 -10.36 -9.51
C ARG D 243 9.08 -8.98 -10.04
N ALA D 244 9.91 -8.00 -9.72
CA ALA D 244 9.67 -6.61 -10.07
C ALA D 244 10.96 -6.00 -10.59
N LEU D 245 10.81 -4.87 -11.28
CA LEU D 245 11.96 -4.15 -11.81
C LEU D 245 11.83 -2.69 -11.40
N ALA D 246 12.80 -2.22 -10.62
CA ALA D 246 12.78 -0.86 -10.07
C ALA D 246 13.77 0.04 -10.81
N PHE D 247 13.25 1.11 -11.45
CA PHE D 247 14.05 2.25 -11.93
C PHE D 247 13.91 3.38 -10.92
N SER D 248 14.88 3.51 -10.04
CA SER D 248 14.92 4.63 -9.12
C SER D 248 15.70 5.78 -9.78
N THR D 249 15.01 6.89 -10.05
CA THR D 249 15.61 8.07 -10.66
C THR D 249 15.55 9.25 -9.71
N ILE D 250 16.58 10.10 -9.77
CA ILE D 250 16.76 11.20 -8.83
C ILE D 250 17.25 12.39 -9.63
N ARG D 251 17.12 13.58 -9.03
CA ARG D 251 17.54 14.77 -9.75
C ARG D 251 19.05 14.87 -9.69
N ARG D 252 19.58 15.63 -10.65
CA ARG D 252 21.00 15.62 -10.97
C ARG D 252 21.87 16.03 -9.78
N GLU D 253 21.34 16.82 -8.85
CA GLU D 253 22.13 17.32 -7.73
C GLU D 253 22.23 16.35 -6.58
N LEU D 254 21.64 15.15 -6.69
CA LEU D 254 21.54 14.21 -5.60
C LEU D 254 22.39 12.98 -5.87
N ARG D 255 22.92 12.40 -4.79
CA ARG D 255 23.81 11.25 -4.94
C ARG D 255 23.04 9.94 -5.09
N PRO D 256 23.57 9.00 -5.86
CA PRO D 256 22.93 7.68 -5.98
C PRO D 256 23.47 6.69 -4.97
N VAL D 257 22.60 5.74 -4.60
CA VAL D 257 23.02 4.66 -3.70
C VAL D 257 23.88 3.63 -4.40
N GLN D 258 23.95 3.66 -5.73
CA GLN D 258 24.82 2.76 -6.50
C GLN D 258 25.91 3.58 -7.20
N ALA D 259 27.16 3.14 -7.01
CA ALA D 259 28.31 3.73 -7.67
C ALA D 259 28.49 3.13 -9.06
N PHE D 260 27.47 3.34 -9.92
CA PHE D 260 27.38 2.73 -11.25
C PHE D 260 28.65 2.90 -12.09
N PRO D 261 29.14 4.12 -12.32
CA PRO D 261 30.32 4.27 -13.19
C PRO D 261 31.60 3.65 -12.65
N LEU D 262 31.55 3.07 -11.43
CA LEU D 262 32.69 2.44 -10.80
C LEU D 262 32.60 0.92 -10.75
N TRP D 263 31.41 0.34 -10.96
CA TRP D 263 31.32 -1.11 -11.07
C TRP D 263 30.81 -1.62 -12.39
N ILE D 264 30.11 -0.79 -13.19
CA ILE D 264 29.74 -1.21 -14.54
C ILE D 264 30.99 -1.08 -15.42
N PRO D 265 31.44 -2.16 -16.05
CA PRO D 265 32.65 -2.08 -16.87
C PRO D 265 32.47 -1.19 -18.09
N MET D 266 33.59 -0.65 -18.58
CA MET D 266 33.57 0.23 -19.75
C MET D 266 33.28 -0.52 -21.04
N GLN D 267 33.48 -1.85 -21.06
CA GLN D 267 33.05 -2.68 -22.19
C GLN D 267 31.54 -2.60 -22.38
N ILE D 268 30.81 -2.51 -21.26
CA ILE D 268 29.37 -2.25 -21.28
C ILE D 268 29.09 -0.79 -21.54
N ALA D 269 29.81 0.10 -20.83
CA ALA D 269 29.53 1.53 -20.90
C ALA D 269 29.53 2.06 -22.33
N THR D 270 30.37 1.48 -23.19
CA THR D 270 30.43 1.94 -24.59
C THR D 270 29.21 1.52 -25.39
N GLU D 271 28.50 0.47 -24.97
CA GLU D 271 27.26 0.06 -25.62
C GLU D 271 26.02 0.58 -24.90
N LEU D 272 26.07 1.83 -24.43
CA LEU D 272 24.90 2.55 -23.95
C LEU D 272 24.69 3.77 -24.84
N SER D 273 23.43 4.11 -25.10
CA SER D 273 23.19 5.35 -25.81
C SER D 273 23.68 6.52 -24.95
N PRO D 274 23.92 7.68 -25.56
CA PRO D 274 24.46 8.79 -24.75
C PRO D 274 23.57 9.22 -23.60
N ARG D 275 22.24 9.22 -23.75
CA ARG D 275 21.40 9.56 -22.62
C ARG D 275 21.47 8.52 -21.53
N THR D 276 21.71 7.27 -21.89
CA THR D 276 21.81 6.21 -20.91
C THR D 276 23.19 6.19 -20.26
N GLN D 277 24.22 6.70 -20.96
CA GLN D 277 25.51 6.89 -20.29
C GLN D 277 25.44 7.96 -19.21
N ALA D 278 24.77 9.07 -19.52
CA ALA D 278 24.53 10.11 -18.52
C ALA D 278 23.60 9.64 -17.41
N MET D 279 22.67 8.72 -17.71
CA MET D 279 21.86 8.11 -16.66
C MET D 279 22.73 7.38 -15.64
N PHE D 280 23.81 6.75 -16.08
CA PHE D 280 24.64 5.93 -15.21
C PHE D 280 25.93 6.61 -14.76
N GLY D 281 26.13 7.88 -15.09
CA GLY D 281 27.29 8.55 -14.56
C GLY D 281 28.54 8.46 -15.41
N PHE D 282 28.44 8.00 -16.64
CA PHE D 282 29.58 8.03 -17.55
C PHE D 282 29.66 9.32 -18.37
N ARG D 283 28.68 10.22 -18.28
CA ARG D 283 28.80 11.58 -18.81
C ARG D 283 28.29 12.58 -17.77
N SER D 284 28.34 13.85 -18.13
CA SER D 284 27.84 14.93 -17.27
C SER D 284 26.49 15.46 -17.73
N HIS D 295 25.97 22.54 -13.83
CA HIS D 295 26.94 21.51 -14.18
C HIS D 295 27.42 20.65 -12.97
N PHE D 296 27.13 19.36 -13.01
CA PHE D 296 27.59 18.43 -11.99
C PHE D 296 28.44 17.36 -12.63
N TRP D 297 29.12 16.59 -11.77
CA TRP D 297 29.79 15.36 -12.14
C TRP D 297 30.69 15.55 -13.36
N GLY D 298 31.50 16.61 -13.33
CA GLY D 298 32.34 16.98 -14.44
C GLY D 298 33.82 16.72 -14.23
N ASN D 299 34.60 17.25 -15.17
CA ASN D 299 36.06 17.22 -15.12
C ASN D 299 36.56 18.63 -15.44
N ASP D 300 36.57 19.49 -14.42
CA ASP D 300 36.84 20.93 -14.54
C ASP D 300 35.86 21.59 -15.51
N GLY D 301 34.58 21.46 -15.20
CA GLY D 301 33.56 22.02 -16.07
C GLY D 301 33.42 21.26 -17.37
N LYS D 302 34.49 20.58 -17.79
CA LYS D 302 34.47 19.76 -18.99
C LYS D 302 33.72 18.45 -18.74
N ASP D 303 33.12 17.92 -19.79
CA ASP D 303 32.35 16.70 -19.64
C ASP D 303 33.28 15.56 -19.26
N ILE D 304 32.83 14.73 -18.30
CA ILE D 304 33.62 13.57 -17.96
C ILE D 304 33.59 12.58 -19.10
N GLY D 305 32.57 12.64 -19.95
CA GLY D 305 32.48 11.73 -21.08
C GLY D 305 33.71 11.77 -21.96
N GLU D 306 34.28 12.96 -22.14
CA GLU D 306 35.51 13.09 -22.93
C GLU D 306 36.62 12.24 -22.36
N HIS D 307 37.06 12.57 -21.14
CA HIS D 307 38.16 11.86 -20.52
C HIS D 307 37.98 10.33 -20.51
N LEU D 308 36.73 9.86 -20.56
CA LEU D 308 36.47 8.44 -20.65
C LEU D 308 36.40 7.95 -22.09
N GLY D 309 36.45 8.87 -23.06
CA GLY D 309 36.58 8.49 -24.46
C GLY D 309 35.28 8.36 -25.18
N LEU D 310 34.15 8.50 -24.49
CA LEU D 310 32.84 8.37 -25.09
C LEU D 310 32.38 9.63 -25.81
N ILE D 311 33.12 10.73 -25.66
CA ILE D 311 32.80 11.96 -26.38
C ILE D 311 34.05 12.41 -27.12
#